data_7XOC
#
_entry.id   7XOC
#
_cell.length_a   1.00
_cell.length_b   1.00
_cell.length_c   1.00
_cell.angle_alpha   90.00
_cell.angle_beta   90.00
_cell.angle_gamma   90.00
#
_symmetry.space_group_name_H-M   'P 1'
#
loop_
_entity.id
_entity.type
_entity.pdbx_description
1 polymer 'Angiotensin-converting enzyme 2'
2 polymer 'Spike glycoprotein'
3 branched 2-acetamido-2-deoxy-beta-D-glucopyranose-(1-4)-2-acetamido-2-deoxy-beta-D-glucopyranose
4 non-polymer 'ZINC ION'
5 non-polymer 2-acetamido-2-deoxy-beta-D-glucopyranose
#
loop_
_entity_poly.entity_id
_entity_poly.type
_entity_poly.pdbx_seq_one_letter_code
_entity_poly.pdbx_strand_id
1 'polypeptide(L)'
;MSSSSWLLLSLVAVTTAQSLTEENAKTFLNNFNQEAEDLSYQSSLASWNYNTNITEENAQKMSEAAAKWSAFYEEQSKTA
QSFSLQEIQTPIIKRQLQALQQSGSSALSADKNKQLNTILNTMSTIYSTGKVCNPKNPQECLLLEPGLDEIMATSTDYNS
RLWAWEGWRAEVGKQLRPLYEEYVVLKNEMARANNYNDYGDYWRGDYEAEGADGYNYNRNQLIEDVERTFAEIKPLYEHL
HAYVRRKLMDTYPSYISPTGCLPAHLLGDMWGRFWTNLYPLTVPFAQKPNIDVTDAMMNQGWDAERIFQEAEKFFVSVGL
PHMTQGFWANSMLTEPADGRKVVCHPTAWDLGHGDFRIKMCTKVTMDNFLTAHHEMGHIQYDMAYARQPFLLRNGANEGF
HEAVGEIMSLSAATPKHLKSIGLLPSDFQEDSETEINFLLKQALTIVGTLPFTYMLEKWRWMVFRGEIPKEQWMKKWWEM
KREIVGVVEPLPHDETYCDPASLFHVSNDYSFIRYYTRTIYQFQFQEALCQAAKYNGSLHKCDISNSTEAGQKLLKMLSL
GNSEPWTKALENVVGARNMDVKPLLNYFQPLFDWLKEQNRNSFVGWNTEWSPYADQSIKVRISLKSALGANAYEWTNNEM
FLFRSSVAYAMRKYFSIIKNQTVPFLEEDVRVSDLKPRVSFYFFVTSPQNVSDVIPRSEVEDAIRMSRGRINDVFGLNDN
SLEFLGIHPTLEPPYQPPVTIWLIIFGVVMALVVVGIIILIVTGIKGRKKKNETKREENPYDSMDIGKGESNAGFQNSDD
AQTSF
;
D
2 'polypeptide(L)'
;MFVFLVLLPLVSSQCVNLITRTQSYTNSFTRGVYYPDKVFRSSVLHSTQDLFLPFFSNVTWFHAIHVSGTNGTKRFDNPV
LPFNDGVYFASTEKSNIIRGWIFGTTLDSKTQSLLIVNNATNVVIKVCEFQFCNDPFLDVYYHKNNKSWMESEFRVYSSA
NNCTFEYVSQPFLMDLEGKQGNFKNLREFVFKNIDGYFKIYSKHTPINLGRDLPQGFSALEPLVDLPIGINITRFQTLLA
LHRSYLTPGDSSSGWTAGAAAYYVGYLQPRTFLLKYNENGTITDAVDCALDPLSETKCTLKSFTVEKGIYQTSNFRVQPT
ESIVRFPNITNLCPFDEVFNATRFASVYAWNRKRISNCVADYSVLYNFAPFFAFKCYGVSPTKLNDLCFTNVYADSFVIR
GNEVSQIAPGQTGNIADYNYKLPDDFTGCVIAWNSNKLDSKVGGNYNYLYRLFRKSNLKPFERDISTEIYQAGNKPCNGV
AGFNCYFPLRSYGFRPTYGVGHQPYRVVVLSFELLHAPATVCGPKKSTNLVKNKCVNFNFNGLTGTGVLTESNKKFLPFQ
QFGRDIADTTDAVRDPQTLEILDITPCSFGGVSVITPGTNTSNQVAVLYQGVNCTEVPVAIHADQLTPTWRVYSTGSNVF
QTRAGCLIGAEYVNNSYECDIPIGAGICASYQTQTKSHGSASSVASQSIIAYTMSLGAENSVAYSNNSIAIPTNFTISVT
TEILPVSMTKTSVDCTMYICGDSTECSNLLLQYGSFCTQLKRALTGIAVEQDKNTQEVFAQVKQIYKTPPIKYFGGFNFS
QILPDPSKPSKRSPIEDLLFNKVTLADAGFIKQYGDCLGDIAARDLICAQKFNGLTVLPPLLTDEMIAQYTSALLAGTIT
SGWTFGAGPALQIPFPMQMAYRFNGIGVTQNVLYENQKLIANQFNSAIGKIQDSLSSTPSALGKLQDVVNHNAQALNTLV
KQLSSKFGAISSVLNDILSRLDPPEAEVQIDRLITGRLQSLQTYVTQQLIRAAEIRASANLAATKMSECVLGQSKRVDFC
GKGYHLMSFPQSAPHGVVFLHVTYVPAQEKNFTTAPAICHDGKAHFPREGVFVSNGTHWFVTQRNFYEPQIITTDNTFVS
GNCDVVIGIVNNTVYDPLQPELDSFKEELDKYFKNHTSPDVDLGDISGINASVVNIQKEIDRLNEVAKNLNESLIDLQEL
GKYEQYIKWPWYIWLGFIAGLIAIVMVTIMLCCMTSCCSCLKGCCSCGSCCKFDEDDSEPVLKGVKLHYT
;
A
#
loop_
_chem_comp.id
_chem_comp.type
_chem_comp.name
_chem_comp.formula
NAG D-saccharide, beta linking 2-acetamido-2-deoxy-beta-D-glucopyranose 'C8 H15 N O6'
ZN non-polymer 'ZINC ION' 'Zn 2'
#
# COMPACT_ATOMS: atom_id res chain seq x y z
N SER A 19 -27.14 20.05 -16.90
CA SER A 19 -26.65 21.42 -16.92
C SER A 19 -25.90 21.74 -15.64
N LEU A 20 -26.02 20.88 -14.64
CA LEU A 20 -25.35 21.07 -13.38
C LEU A 20 -23.89 20.64 -13.47
N THR A 21 -23.04 21.29 -12.67
CA THR A 21 -21.62 20.97 -12.68
C THR A 21 -21.32 19.61 -12.05
N GLU A 22 -22.28 19.01 -11.35
CA GLU A 22 -22.04 17.72 -10.70
C GLU A 22 -21.79 16.63 -11.73
N GLU A 23 -22.66 16.52 -12.73
CA GLU A 23 -22.49 15.50 -13.76
C GLU A 23 -21.25 15.77 -14.61
N ASN A 24 -20.92 17.04 -14.84
CA ASN A 24 -19.70 17.36 -15.57
C ASN A 24 -18.47 16.92 -14.80
N ALA A 25 -18.46 17.16 -13.49
CA ALA A 25 -17.35 16.70 -12.66
C ALA A 25 -17.27 15.18 -12.62
N LYS A 26 -18.43 14.52 -12.59
CA LYS A 26 -18.45 13.06 -12.62
C LYS A 26 -17.85 12.53 -13.92
N THR A 27 -18.23 13.13 -15.05
CA THR A 27 -17.68 12.71 -16.34
C THR A 27 -16.17 12.97 -16.40
N PHE A 28 -15.73 14.12 -15.89
CA PHE A 28 -14.30 14.42 -15.86
C PHE A 28 -13.54 13.40 -15.02
N LEU A 29 -14.09 13.04 -13.86
CA LEU A 29 -13.43 12.04 -13.01
C LEU A 29 -13.42 10.68 -13.66
N ASN A 30 -14.49 10.32 -14.37
CA ASN A 30 -14.52 9.04 -15.08
C ASN A 30 -13.44 9.00 -16.16
N ASN A 31 -13.31 10.07 -16.94
CA ASN A 31 -12.27 10.13 -17.95
C ASN A 31 -10.88 10.07 -17.33
N PHE A 32 -10.67 10.81 -16.24
CA PHE A 32 -9.38 10.81 -15.57
C PHE A 32 -9.02 9.42 -15.07
N ASN A 33 -9.99 8.73 -14.45
CA ASN A 33 -9.72 7.39 -13.96
C ASN A 33 -9.46 6.41 -15.11
N GLN A 34 -10.22 6.54 -16.21
CA GLN A 34 -10.02 5.65 -17.35
C GLN A 34 -8.62 5.82 -17.94
N GLU A 35 -8.12 7.06 -17.99
CA GLU A 35 -6.78 7.27 -18.53
C GLU A 35 -5.70 6.92 -17.51
N ALA A 36 -5.97 7.11 -16.22
CA ALA A 36 -4.97 6.82 -15.20
C ALA A 36 -4.76 5.33 -15.03
N GLU A 37 -5.84 4.54 -15.05
CA GLU A 37 -5.72 3.09 -14.94
C GLU A 37 -4.83 2.49 -16.02
N ASP A 38 -4.54 3.23 -17.09
CA ASP A 38 -3.61 2.80 -18.12
C ASP A 38 -2.24 3.45 -17.96
N LEU A 39 -2.20 4.76 -17.71
CA LEU A 39 -0.91 5.44 -17.63
C LEU A 39 -0.12 5.00 -16.40
N SER A 40 -0.76 4.98 -15.22
CA SER A 40 -0.08 4.53 -14.03
C SER A 40 0.28 3.05 -14.12
N TYR A 41 -0.54 2.26 -14.82
CA TYR A 41 -0.21 0.86 -15.02
C TYR A 41 1.05 0.71 -15.87
N GLN A 42 1.16 1.50 -16.94
CA GLN A 42 2.37 1.46 -17.76
C GLN A 42 3.59 1.93 -16.97
N SER A 43 3.42 2.94 -16.13
CA SER A 43 4.53 3.41 -15.31
C SER A 43 4.98 2.35 -14.32
N SER A 44 4.03 1.66 -13.67
CA SER A 44 4.37 0.60 -12.73
C SER A 44 5.02 -0.57 -13.45
N LEU A 45 4.57 -0.87 -14.68
CA LEU A 45 5.20 -1.95 -15.45
C LEU A 45 6.63 -1.59 -15.83
N ALA A 46 6.87 -0.33 -16.21
CA ALA A 46 8.23 0.09 -16.50
C ALA A 46 9.11 0.02 -15.26
N SER A 47 8.56 0.42 -14.11
CA SER A 47 9.32 0.35 -12.87
C SER A 47 9.66 -1.10 -12.51
N TRP A 48 8.71 -2.01 -12.70
CA TRP A 48 8.96 -3.43 -12.43
C TRP A 48 10.01 -3.98 -13.39
N ASN A 49 9.94 -3.61 -14.67
CA ASN A 49 10.93 -4.06 -15.62
C ASN A 49 12.32 -3.53 -15.28
N TYR A 50 12.39 -2.31 -14.74
CA TYR A 50 13.67 -1.79 -14.28
C TYR A 50 14.17 -2.55 -13.07
N ASN A 51 13.28 -2.87 -12.13
CA ASN A 51 13.69 -3.56 -10.92
C ASN A 51 14.12 -5.00 -11.21
N THR A 52 13.53 -5.64 -12.22
CA THR A 52 13.91 -7.01 -12.56
C THR A 52 15.36 -7.09 -12.99
N ASN A 53 15.70 -6.43 -14.10
CA ASN A 53 17.08 -6.36 -14.59
C ASN A 53 17.47 -4.89 -14.69
N ILE A 54 18.28 -4.42 -13.73
CA ILE A 54 18.68 -3.03 -13.69
C ILE A 54 19.67 -2.78 -14.82
N THR A 55 19.22 -2.12 -15.88
CA THR A 55 20.04 -1.78 -17.03
C THR A 55 19.87 -0.30 -17.34
N GLU A 56 20.60 0.16 -18.36
CA GLU A 56 20.53 1.56 -18.75
C GLU A 56 19.31 1.88 -19.58
N GLU A 57 18.79 0.92 -20.36
CA GLU A 57 17.61 1.16 -21.17
C GLU A 57 16.34 1.09 -20.33
N ASN A 58 16.26 0.12 -19.42
CA ASN A 58 15.08 0.00 -18.57
C ASN A 58 14.93 1.21 -17.65
N ALA A 59 16.05 1.73 -17.16
CA ALA A 59 16.00 2.94 -16.33
C ALA A 59 15.47 4.12 -17.14
N GLN A 60 15.92 4.26 -18.39
CA GLN A 60 15.42 5.34 -19.24
C GLN A 60 13.93 5.18 -19.52
N LYS A 61 13.48 3.95 -19.78
CA LYS A 61 12.05 3.73 -20.00
C LYS A 61 11.24 4.07 -18.76
N MET A 62 11.72 3.67 -17.58
CA MET A 62 11.02 3.98 -16.34
C MET A 62 10.97 5.48 -16.11
N SER A 63 12.08 6.18 -16.39
CA SER A 63 12.10 7.63 -16.21
C SER A 63 11.12 8.32 -17.16
N GLU A 64 11.08 7.87 -18.42
CA GLU A 64 10.14 8.45 -19.37
C GLU A 64 8.70 8.20 -18.96
N ALA A 65 8.39 6.98 -18.51
CA ALA A 65 7.04 6.66 -18.08
C ALA A 65 6.65 7.50 -16.86
N ALA A 66 7.56 7.65 -15.90
CA ALA A 66 7.26 8.46 -14.72
C ALA A 66 7.07 9.91 -15.08
N ALA A 67 7.88 10.43 -16.01
CA ALA A 67 7.72 11.82 -16.44
C ALA A 67 6.39 12.03 -17.14
N LYS A 68 5.99 11.09 -18.02
CA LYS A 68 4.70 11.21 -18.69
C LYS A 68 3.56 11.15 -17.69
N TRP A 69 3.64 10.24 -16.72
CA TRP A 69 2.59 10.14 -15.71
C TRP A 69 2.50 11.41 -14.87
N SER A 70 3.65 11.96 -14.47
CA SER A 70 3.64 13.19 -13.68
C SER A 70 3.09 14.36 -14.48
N ALA A 71 3.44 14.45 -15.77
CA ALA A 71 2.91 15.51 -16.61
C ALA A 71 1.40 15.40 -16.76
N PHE A 72 0.91 14.18 -17.01
CA PHE A 72 -0.53 13.98 -17.10
C PHE A 72 -1.23 14.34 -15.79
N TYR A 73 -0.64 13.92 -14.66
CA TYR A 73 -1.27 14.19 -13.38
C TYR A 73 -1.32 15.68 -13.08
N GLU A 74 -0.22 16.39 -13.33
CA GLU A 74 -0.22 17.83 -13.06
C GLU A 74 -1.13 18.59 -14.02
N GLU A 75 -1.23 18.14 -15.28
CA GLU A 75 -2.16 18.77 -16.21
C GLU A 75 -3.60 18.57 -15.76
N GLN A 76 -3.94 17.36 -15.33
CA GLN A 76 -5.30 17.09 -14.86
C GLN A 76 -5.59 17.84 -13.57
N SER A 77 -4.58 18.00 -12.71
CA SER A 77 -4.78 18.78 -11.48
C SER A 77 -5.02 20.24 -11.79
N LYS A 78 -4.25 20.80 -12.73
CA LYS A 78 -4.51 22.17 -13.18
C LYS A 78 -5.88 22.30 -13.81
N THR A 79 -6.35 21.24 -14.47
CA THR A 79 -7.68 21.27 -15.07
C THR A 79 -8.80 21.01 -14.06
N ALA A 80 -8.50 20.32 -12.96
CA ALA A 80 -9.52 19.98 -11.98
C ALA A 80 -9.80 21.08 -10.97
N GLN A 81 -8.91 22.08 -10.87
CA GLN A 81 -9.10 23.16 -9.91
C GLN A 81 -10.25 24.09 -10.28
N SER A 82 -10.87 23.90 -11.44
CA SER A 82 -11.98 24.73 -11.89
C SER A 82 -13.33 24.21 -11.41
N PHE A 83 -13.35 23.29 -10.44
CA PHE A 83 -14.58 22.73 -9.90
C PHE A 83 -14.51 22.81 -8.38
N SER A 84 -15.03 23.90 -7.82
CA SER A 84 -15.01 24.08 -6.38
C SER A 84 -15.87 23.03 -5.69
N LEU A 85 -15.43 22.61 -4.51
CA LEU A 85 -16.11 21.54 -3.79
C LEU A 85 -17.42 21.98 -3.16
N GLN A 86 -17.74 23.28 -3.18
CA GLN A 86 -18.99 23.75 -2.58
C GLN A 86 -20.20 23.34 -3.40
N GLU A 87 -20.05 23.24 -4.73
CA GLU A 87 -21.18 22.88 -5.58
C GLU A 87 -21.39 21.37 -5.63
N ILE A 88 -20.34 20.59 -5.42
CA ILE A 88 -20.45 19.14 -5.48
C ILE A 88 -21.21 18.65 -4.26
N GLN A 89 -22.35 18.00 -4.50
CA GLN A 89 -23.19 17.48 -3.41
C GLN A 89 -22.84 16.04 -3.06
N THR A 90 -22.47 15.25 -4.06
CA THR A 90 -22.13 13.86 -3.82
C THR A 90 -20.85 13.77 -2.99
N PRO A 91 -20.84 13.01 -1.88
CA PRO A 91 -19.63 12.97 -1.05
C PRO A 91 -18.45 12.31 -1.72
N ILE A 92 -18.66 11.18 -2.41
CA ILE A 92 -17.54 10.46 -3.01
C ILE A 92 -16.95 11.25 -4.16
N ILE A 93 -17.80 11.94 -4.94
CA ILE A 93 -17.29 12.77 -6.03
C ILE A 93 -16.48 13.94 -5.48
N LYS A 94 -16.97 14.56 -4.40
CA LYS A 94 -16.22 15.64 -3.77
C LYS A 94 -14.87 15.15 -3.23
N ARG A 95 -14.85 13.96 -2.65
CA ARG A 95 -13.60 13.41 -2.14
C ARG A 95 -12.62 13.10 -3.26
N GLN A 96 -13.12 12.57 -4.37
CA GLN A 96 -12.26 12.31 -5.52
C GLN A 96 -11.70 13.60 -6.10
N LEU A 97 -12.53 14.65 -6.16
CA LEU A 97 -12.05 15.93 -6.66
C LEU A 97 -11.02 16.54 -5.71
N GLN A 98 -11.21 16.36 -4.41
CA GLN A 98 -10.25 16.89 -3.44
C GLN A 98 -8.94 16.13 -3.48
N ALA A 99 -8.99 14.82 -3.72
CA ALA A 99 -7.77 14.03 -3.82
C ALA A 99 -6.96 14.34 -5.08
N LEU A 100 -7.52 15.11 -6.02
CA LEU A 100 -6.84 15.47 -7.25
C LEU A 100 -6.49 16.94 -7.35
N GLN A 101 -7.29 17.83 -6.75
CA GLN A 101 -7.01 19.26 -6.84
C GLN A 101 -5.73 19.64 -6.10
N GLN A 102 -5.28 18.79 -5.17
CA GLN A 102 -4.04 19.07 -4.45
C GLN A 102 -2.86 19.09 -5.40
N SER A 103 -2.22 20.26 -5.52
CA SER A 103 -1.11 20.42 -6.45
C SER A 103 0.19 19.91 -5.85
N GLY A 104 0.60 20.49 -4.73
CA GLY A 104 1.83 20.09 -4.07
C GLY A 104 3.00 20.99 -4.37
N SER A 105 4.02 20.47 -5.05
CA SER A 105 5.21 21.24 -5.37
C SER A 105 5.04 22.12 -6.60
N SER A 106 4.01 21.87 -7.42
CA SER A 106 3.79 22.66 -8.62
C SER A 106 3.23 24.05 -8.31
N ALA A 107 2.89 24.34 -7.06
CA ALA A 107 2.36 25.66 -6.72
C ALA A 107 3.42 26.74 -6.87
N LEU A 108 4.68 26.41 -6.58
CA LEU A 108 5.75 27.38 -6.68
C LEU A 108 6.07 27.69 -8.15
N SER A 109 6.83 28.76 -8.34
CA SER A 109 7.26 29.15 -9.68
C SER A 109 8.33 28.18 -10.18
N ALA A 110 8.76 28.41 -11.44
CA ALA A 110 9.77 27.54 -12.03
C ALA A 110 11.11 27.68 -11.32
N ASP A 111 11.50 28.91 -11.00
CA ASP A 111 12.80 29.13 -10.36
C ASP A 111 12.85 28.51 -8.97
N LYS A 112 11.81 28.74 -8.17
CA LYS A 112 11.77 28.17 -6.82
C LYS A 112 11.71 26.65 -6.86
N ASN A 113 10.96 26.09 -7.80
CA ASN A 113 10.89 24.64 -7.92
C ASN A 113 12.25 24.06 -8.31
N LYS A 114 12.94 24.69 -9.26
CA LYS A 114 14.26 24.23 -9.65
C LYS A 114 15.25 24.32 -8.48
N GLN A 115 15.19 25.42 -7.72
CA GLN A 115 16.08 25.56 -6.57
C GLN A 115 15.81 24.49 -5.53
N LEU A 116 14.53 24.22 -5.24
CA LEU A 116 14.19 23.19 -4.26
C LEU A 116 14.64 21.82 -4.73
N ASN A 117 14.46 21.52 -6.02
CA ASN A 117 14.89 20.23 -6.55
C ASN A 117 16.40 20.08 -6.47
N THR A 118 17.14 21.15 -6.80
CA THR A 118 18.60 21.09 -6.74
C THR A 118 19.07 20.90 -5.30
N ILE A 119 18.43 21.59 -4.35
CA ILE A 119 18.81 21.44 -2.96
C ILE A 119 18.52 20.02 -2.47
N LEU A 120 17.37 19.46 -2.85
CA LEU A 120 17.04 18.10 -2.46
C LEU A 120 18.04 17.10 -3.05
N ASN A 121 18.38 17.27 -4.33
CA ASN A 121 19.34 16.37 -4.95
C ASN A 121 20.73 16.49 -4.32
N THR A 122 21.15 17.71 -3.98
CA THR A 122 22.45 17.90 -3.36
C THR A 122 22.48 17.26 -1.97
N MET A 123 21.41 17.44 -1.19
CA MET A 123 21.37 16.82 0.13
C MET A 123 21.35 15.30 0.03
N SER A 124 20.61 14.75 -0.95
CA SER A 124 20.58 13.30 -1.13
C SER A 124 21.95 12.77 -1.55
N THR A 125 22.65 13.51 -2.40
CA THR A 125 23.99 13.09 -2.82
C THR A 125 24.98 13.16 -1.67
N ILE A 126 24.88 14.20 -0.83
CA ILE A 126 25.77 14.31 0.31
C ILE A 126 25.49 13.20 1.32
N TYR A 127 24.23 12.86 1.55
CA TYR A 127 23.90 11.79 2.49
C TYR A 127 24.30 10.42 1.96
N SER A 128 24.14 10.20 0.65
CA SER A 128 24.47 8.90 0.08
C SER A 128 25.97 8.71 -0.06
N THR A 129 26.72 9.79 -0.32
CA THR A 129 28.17 9.72 -0.51
C THR A 129 28.92 10.25 0.70
N GLY A 130 28.40 10.01 1.90
CA GLY A 130 29.06 10.43 3.12
C GLY A 130 30.05 9.39 3.61
N LYS A 131 31.18 9.86 4.13
CA LYS A 131 32.22 8.99 4.63
C LYS A 131 32.81 9.59 5.91
N VAL A 132 33.21 8.71 6.82
CA VAL A 132 33.81 9.09 8.10
C VAL A 132 35.13 8.35 8.23
N CYS A 133 36.23 9.09 8.24
CA CYS A 133 37.56 8.51 8.32
C CYS A 133 38.41 9.38 9.25
N ASN A 134 38.66 8.86 10.46
CA ASN A 134 39.45 9.56 11.47
C ASN A 134 38.88 10.95 11.76
N GLU A 140 41.09 3.23 9.91
CA GLU A 140 40.19 2.72 8.88
C GLU A 140 39.47 3.86 8.17
N CYS A 141 38.93 3.57 6.98
CA CYS A 141 38.24 4.57 6.16
C CYS A 141 37.11 3.87 5.42
N LEU A 142 35.90 3.96 5.95
CA LEU A 142 34.72 3.31 5.39
C LEU A 142 33.64 4.35 5.11
N LEU A 143 32.47 3.86 4.75
CA LEU A 143 31.30 4.69 4.44
C LEU A 143 30.18 4.39 5.43
N LEU A 144 29.00 4.94 5.16
CA LEU A 144 27.88 4.83 6.10
C LEU A 144 27.43 3.37 6.26
N GLU A 145 26.99 2.75 5.17
CA GLU A 145 26.42 1.41 5.26
C GLU A 145 27.45 0.29 5.45
N PRO A 146 28.65 0.31 4.81
CA PRO A 146 29.54 -0.85 4.95
C PRO A 146 30.14 -0.99 6.34
N GLY A 147 30.74 0.08 6.86
CA GLY A 147 31.48 -0.02 8.11
C GLY A 147 30.83 0.61 9.32
N LEU A 148 30.18 1.76 9.13
CA LEU A 148 29.62 2.48 10.28
C LEU A 148 28.45 1.71 10.88
N ASP A 149 27.58 1.14 10.05
CA ASP A 149 26.42 0.41 10.56
C ASP A 149 26.86 -0.82 11.36
N GLU A 150 27.82 -1.57 10.82
CA GLU A 150 28.28 -2.78 11.51
C GLU A 150 28.95 -2.43 12.83
N ILE A 151 29.72 -1.33 12.87
CA ILE A 151 30.36 -0.93 14.11
C ILE A 151 29.32 -0.49 15.13
N MET A 152 28.37 0.34 14.72
CA MET A 152 27.34 0.80 15.65
C MET A 152 26.41 -0.32 16.09
N ALA A 153 26.33 -1.41 15.34
CA ALA A 153 25.45 -2.51 15.70
C ALA A 153 26.14 -3.55 16.58
N THR A 154 27.36 -3.95 16.21
CA THR A 154 28.03 -5.07 16.89
C THR A 154 29.09 -4.62 17.88
N SER A 155 29.90 -3.62 17.55
CA SER A 155 30.99 -3.22 18.42
C SER A 155 30.45 -2.66 19.74
N THR A 156 31.15 -2.96 20.83
CA THR A 156 30.75 -2.52 22.16
C THR A 156 31.77 -1.62 22.83
N ASP A 157 32.81 -1.20 22.12
CA ASP A 157 33.82 -0.32 22.69
C ASP A 157 33.30 1.12 22.73
N TYR A 158 33.69 1.84 23.78
CA TYR A 158 33.21 3.21 23.95
C TYR A 158 33.79 4.13 22.88
N ASN A 159 35.10 4.15 22.73
CA ASN A 159 35.74 5.05 21.78
C ASN A 159 35.44 4.64 20.34
N SER A 160 35.40 3.34 20.07
CA SER A 160 35.19 2.86 18.71
C SER A 160 33.84 3.31 18.14
N ARG A 161 32.87 3.54 19.01
CA ARG A 161 31.58 4.08 18.60
C ARG A 161 31.50 5.59 18.73
N LEU A 162 32.16 6.15 19.75
CA LEU A 162 32.13 7.59 19.97
C LEU A 162 32.78 8.34 18.82
N TRP A 163 33.95 7.88 18.36
CA TRP A 163 34.63 8.58 17.29
C TRP A 163 33.81 8.54 16.00
N ALA A 164 33.20 7.40 15.70
CA ALA A 164 32.39 7.29 14.48
C ALA A 164 31.15 8.17 14.57
N TRP A 165 30.47 8.15 15.71
CA TRP A 165 29.29 8.99 15.89
C TRP A 165 29.63 10.47 15.76
N GLU A 166 30.71 10.90 16.41
CA GLU A 166 31.11 12.30 16.36
C GLU A 166 31.51 12.70 14.95
N GLY A 167 32.30 11.85 14.28
CA GLY A 167 32.70 12.16 12.91
C GLY A 167 31.52 12.28 11.97
N TRP A 168 30.56 11.35 12.08
CA TRP A 168 29.40 11.39 11.21
C TRP A 168 28.57 12.64 11.47
N ARG A 169 28.23 12.91 12.72
CA ARG A 169 27.38 14.06 13.02
C ARG A 169 28.13 15.39 12.94
N ALA A 170 29.46 15.36 12.74
CA ALA A 170 30.21 16.57 12.48
C ALA A 170 30.45 16.83 10.99
N GLU A 171 30.53 15.76 10.19
CA GLU A 171 30.69 15.94 8.75
C GLU A 171 29.34 16.14 8.07
N VAL A 172 28.45 15.16 8.19
CA VAL A 172 27.17 15.23 7.48
C VAL A 172 26.34 16.40 8.01
N GLY A 173 26.36 16.62 9.32
CA GLY A 173 25.58 17.71 9.89
C GLY A 173 26.04 19.07 9.39
N LYS A 174 27.35 19.31 9.42
CA LYS A 174 27.89 20.59 8.97
C LYS A 174 27.82 20.75 7.46
N GLN A 175 27.72 19.65 6.71
CA GLN A 175 27.55 19.77 5.26
C GLN A 175 26.09 19.94 4.85
N LEU A 176 25.15 19.52 5.70
CA LEU A 176 23.73 19.65 5.37
C LEU A 176 23.06 20.84 6.04
N ARG A 177 23.66 21.44 7.07
CA ARG A 177 23.06 22.57 7.77
C ARG A 177 22.78 23.76 6.84
N PRO A 178 23.76 24.26 6.07
CA PRO A 178 23.46 25.43 5.23
C PRO A 178 22.44 25.13 4.14
N LEU A 179 22.39 23.90 3.65
CA LEU A 179 21.39 23.53 2.67
C LEU A 179 20.02 23.34 3.33
N TYR A 180 20.00 22.76 4.53
CA TYR A 180 18.74 22.55 5.23
C TYR A 180 18.09 23.86 5.65
N GLU A 181 18.91 24.87 5.97
CA GLU A 181 18.36 26.17 6.35
C GLU A 181 17.53 26.78 5.22
N GLU A 182 17.99 26.62 3.98
CA GLU A 182 17.22 27.11 2.83
C GLU A 182 16.12 26.14 2.44
N TYR A 183 16.33 24.84 2.67
CA TYR A 183 15.29 23.86 2.39
C TYR A 183 14.05 24.12 3.24
N VAL A 184 14.24 24.49 4.50
CA VAL A 184 13.11 24.77 5.38
C VAL A 184 12.30 25.96 4.85
N VAL A 185 12.99 27.02 4.42
CA VAL A 185 12.31 28.20 3.92
C VAL A 185 11.59 27.89 2.62
N LEU A 186 12.22 27.12 1.74
CA LEU A 186 11.57 26.76 0.47
C LEU A 186 10.33 25.90 0.71
N LYS A 187 10.41 24.96 1.66
CA LYS A 187 9.25 24.14 1.97
C LYS A 187 8.13 24.96 2.60
N ASN A 188 8.49 25.93 3.45
CA ASN A 188 7.46 26.80 4.01
C ASN A 188 6.80 27.64 2.93
N GLU A 189 7.57 28.13 1.98
CA GLU A 189 6.99 28.90 0.87
C GLU A 189 6.09 28.01 0.01
N MET A 190 6.51 26.77 -0.23
CA MET A 190 5.67 25.85 -1.00
C MET A 190 4.37 25.55 -0.26
N ALA A 191 4.44 25.40 1.07
CA ALA A 191 3.24 25.13 1.85
C ALA A 191 2.29 26.32 1.84
N ARG A 192 2.84 27.53 2.02
CA ARG A 192 2.01 28.73 1.96
C ARG A 192 1.41 28.93 0.58
N ALA A 193 2.10 28.49 -0.46
CA ALA A 193 1.56 28.60 -1.82
C ALA A 193 0.40 27.64 -2.05
N ASN A 194 0.30 26.56 -1.28
CA ASN A 194 -0.78 25.59 -1.40
C ASN A 194 -1.88 25.81 -0.36
N ASN A 195 -2.10 27.07 0.03
CA ASN A 195 -3.12 27.48 0.98
C ASN A 195 -2.92 26.91 2.38
N TYR A 196 -1.73 26.38 2.67
CA TYR A 196 -1.39 25.90 4.00
C TYR A 196 -0.61 26.97 4.76
N ASN A 197 -0.15 26.61 5.95
CA ASN A 197 0.61 27.52 6.81
C ASN A 197 2.08 27.18 6.86
N ASP A 198 2.43 25.94 7.20
CA ASP A 198 3.82 25.51 7.29
C ASP A 198 3.95 24.11 6.71
N TYR A 199 5.19 23.65 6.59
CA TYR A 199 5.43 22.30 6.08
C TYR A 199 4.89 21.23 7.02
N GLY A 200 4.91 21.49 8.32
CA GLY A 200 4.36 20.54 9.27
C GLY A 200 2.86 20.36 9.09
N ASP A 201 2.15 21.47 8.89
CA ASP A 201 0.71 21.38 8.64
C ASP A 201 0.42 20.68 7.32
N TYR A 202 1.30 20.83 6.33
CA TYR A 202 1.13 20.12 5.07
C TYR A 202 1.35 18.62 5.25
N TRP A 203 2.32 18.24 6.07
CA TRP A 203 2.56 16.82 6.33
C TRP A 203 1.45 16.22 7.18
N ARG A 204 0.82 17.03 8.04
CA ARG A 204 -0.31 16.57 8.85
C ARG A 204 -1.63 16.66 8.12
N GLY A 205 -1.63 16.90 6.81
CA GLY A 205 -2.85 16.98 6.04
C GLY A 205 -3.37 15.62 5.61
N ASP A 206 -2.51 14.60 5.70
CA ASP A 206 -2.91 13.26 5.33
C ASP A 206 -3.90 12.67 6.35
N TYR A 207 -3.80 13.09 7.61
CA TYR A 207 -4.69 12.63 8.65
C TYR A 207 -5.95 13.48 8.77
N GLU A 208 -6.20 14.37 7.82
CA GLU A 208 -7.37 15.23 7.85
C GLU A 208 -8.55 14.50 7.21
N ALA A 209 -9.61 14.29 8.00
CA ALA A 209 -10.78 13.57 7.55
C ALA A 209 -11.96 14.53 7.38
N GLU A 210 -12.91 14.11 6.54
CA GLU A 210 -14.11 14.89 6.27
C GLU A 210 -15.30 13.95 6.22
N GLY A 211 -16.42 14.39 6.79
CA GLY A 211 -17.62 13.59 6.82
C GLY A 211 -18.71 14.15 7.71
N ALA A 212 -19.28 13.31 8.57
CA ALA A 212 -20.35 13.74 9.46
C ALA A 212 -19.77 14.48 10.66
N ASP A 213 -20.61 14.75 11.66
CA ASP A 213 -20.16 15.46 12.85
C ASP A 213 -19.20 14.62 13.69
N GLY A 214 -19.34 13.29 13.64
CA GLY A 214 -18.48 12.42 14.41
C GLY A 214 -17.32 11.87 13.61
N TYR A 215 -17.43 11.92 12.29
CA TYR A 215 -16.40 11.43 11.38
C TYR A 215 -15.59 12.55 10.76
N ASN A 216 -15.36 13.63 11.50
CA ASN A 216 -14.62 14.79 11.01
C ASN A 216 -13.39 14.98 11.88
N TYR A 217 -12.22 14.97 11.26
CA TYR A 217 -10.94 15.14 11.95
C TYR A 217 -10.20 16.33 11.35
N ASN A 218 -9.48 17.05 12.21
CA ASN A 218 -8.75 18.25 11.82
C ASN A 218 -7.26 18.03 12.00
N ARG A 219 -6.48 18.78 11.22
CA ARG A 219 -5.03 18.66 11.29
C ARG A 219 -4.51 19.10 12.66
N ASN A 220 -4.93 20.29 13.12
CA ASN A 220 -4.49 20.79 14.40
C ASN A 220 -4.90 19.89 15.55
N GLN A 221 -5.93 19.07 15.37
CA GLN A 221 -6.34 18.12 16.40
C GLN A 221 -5.33 17.00 16.57
N LEU A 222 -4.53 16.71 15.53
CA LEU A 222 -3.58 15.61 15.62
C LEU A 222 -2.48 15.91 16.65
N ILE A 223 -1.99 17.15 16.68
CA ILE A 223 -0.92 17.51 17.61
C ILE A 223 -1.39 17.31 19.05
N GLU A 224 -2.68 17.54 19.31
CA GLU A 224 -3.22 17.35 20.66
C GLU A 224 -3.40 15.88 21.02
N ASP A 225 -3.35 14.98 20.04
CA ASP A 225 -3.52 13.55 20.31
C ASP A 225 -2.19 12.83 20.42
N VAL A 226 -1.25 13.13 19.51
CA VAL A 226 0.05 12.47 19.53
C VAL A 226 0.74 12.67 20.88
N GLU A 227 0.58 13.86 21.46
CA GLU A 227 1.08 14.10 22.80
C GLU A 227 0.27 13.32 23.83
N ARG A 228 -1.06 13.35 23.71
CA ARG A 228 -1.92 12.65 24.66
C ARG A 228 -1.66 11.15 24.64
N THR A 229 -1.41 10.58 23.46
CA THR A 229 -1.10 9.17 23.36
C THR A 229 0.28 8.85 23.92
N PHE A 230 1.14 9.85 24.11
CA PHE A 230 2.48 9.62 24.63
C PHE A 230 2.52 9.54 26.15
N ALA A 231 1.51 10.10 26.83
CA ALA A 231 1.52 10.11 28.30
C ALA A 231 1.33 8.71 28.87
N GLU A 232 0.54 7.86 28.20
CA GLU A 232 0.29 6.52 28.71
C GLU A 232 1.46 5.58 28.49
N ILE A 233 2.25 5.78 27.43
CA ILE A 233 3.42 4.95 27.18
C ILE A 233 4.66 5.46 27.91
N LYS A 234 4.53 6.51 28.71
CA LYS A 234 5.68 7.05 29.42
C LYS A 234 6.19 6.15 30.54
N PRO A 235 5.35 5.60 31.43
CA PRO A 235 5.89 4.72 32.49
C PRO A 235 6.56 3.46 31.94
N LEU A 236 5.96 2.84 30.93
CA LEU A 236 6.57 1.64 30.34
C LEU A 236 7.92 1.97 29.71
N TYR A 237 8.01 3.09 29.00
CA TYR A 237 9.27 3.49 28.40
C TYR A 237 10.32 3.83 29.46
N GLU A 238 9.88 4.45 30.56
CA GLU A 238 10.82 4.76 31.64
C GLU A 238 11.35 3.47 32.28
N HIS A 239 10.47 2.49 32.51
CA HIS A 239 10.93 1.22 33.06
C HIS A 239 11.88 0.51 32.11
N LEU A 240 11.57 0.51 30.81
CA LEU A 240 12.44 -0.11 29.83
C LEU A 240 13.80 0.58 29.78
N HIS A 241 13.81 1.91 29.84
CA HIS A 241 15.05 2.66 29.82
C HIS A 241 15.88 2.38 31.07
N ALA A 242 15.23 2.29 32.23
CA ALA A 242 15.95 1.98 33.46
C ALA A 242 16.55 0.57 33.40
N TYR A 243 15.79 -0.39 32.86
CA TYR A 243 16.31 -1.75 32.74
C TYR A 243 17.49 -1.80 31.78
N VAL A 244 17.39 -1.11 30.64
CA VAL A 244 18.48 -1.09 29.68
C VAL A 244 19.72 -0.43 30.29
N ARG A 245 19.52 0.63 31.07
CA ARG A 245 20.64 1.31 31.71
C ARG A 245 21.30 0.40 32.74
N ARG A 246 20.50 -0.31 33.55
CA ARG A 246 21.07 -1.21 34.55
C ARG A 246 21.81 -2.36 33.89
N LYS A 247 21.33 -2.83 32.73
CA LYS A 247 22.02 -3.91 32.03
C LYS A 247 23.28 -3.43 31.32
N LEU A 248 23.30 -2.17 30.89
CA LEU A 248 24.49 -1.62 30.23
C LEU A 248 25.52 -1.09 31.21
N MET A 249 25.15 -0.91 32.49
CA MET A 249 26.14 -0.51 33.48
C MET A 249 27.29 -1.50 33.57
N ASP A 250 27.02 -2.79 33.30
CA ASP A 250 28.07 -3.79 33.38
C ASP A 250 29.12 -3.58 32.28
N THR A 251 28.67 -3.53 31.03
CA THR A 251 29.62 -3.38 29.92
C THR A 251 30.23 -1.98 29.87
N TYR A 252 29.54 -0.98 30.42
CA TYR A 252 30.04 0.40 30.49
C TYR A 252 30.06 0.83 31.95
N PRO A 253 31.08 0.41 32.72
CA PRO A 253 31.11 0.75 34.14
C PRO A 253 31.35 2.23 34.41
N SER A 254 32.37 2.80 33.78
CA SER A 254 32.79 4.18 34.03
C SER A 254 32.25 5.16 32.98
N TYR A 255 31.11 4.84 32.36
CA TYR A 255 30.54 5.73 31.37
C TYR A 255 29.02 5.86 31.49
N ILE A 256 28.42 5.36 32.57
CA ILE A 256 26.98 5.41 32.76
C ILE A 256 26.68 5.82 34.19
N SER A 257 25.84 6.84 34.35
CA SER A 257 25.43 7.35 35.66
C SER A 257 24.22 6.59 36.16
N PRO A 258 24.13 6.32 37.47
CA PRO A 258 22.97 5.61 38.00
C PRO A 258 21.67 6.38 37.89
N THR A 259 21.72 7.71 37.86
CA THR A 259 20.55 8.56 37.74
C THR A 259 20.73 9.57 36.61
N GLY A 260 21.22 9.08 35.47
CA GLY A 260 21.46 9.92 34.32
C GLY A 260 20.92 9.29 33.04
N CYS A 261 21.13 10.00 31.94
CA CYS A 261 20.67 9.54 30.63
C CYS A 261 21.70 8.61 30.01
N LEU A 262 21.39 8.12 28.81
CA LEU A 262 22.27 7.22 28.07
C LEU A 262 22.92 7.94 26.91
N PRO A 263 24.19 7.68 26.61
CA PRO A 263 24.83 8.34 25.47
C PRO A 263 24.17 7.96 24.16
N ALA A 264 24.31 8.85 23.17
CA ALA A 264 23.68 8.63 21.88
C ALA A 264 24.37 7.55 21.06
N HIS A 265 25.63 7.25 21.36
CA HIS A 265 26.39 6.26 20.61
C HIS A 265 26.38 4.89 21.27
N LEU A 266 25.58 4.70 22.32
CA LEU A 266 25.45 3.43 23.01
C LEU A 266 24.02 2.91 22.94
N LEU A 267 23.36 3.15 21.82
CA LEU A 267 21.98 2.72 21.61
C LEU A 267 21.85 1.68 20.50
N GLY A 268 22.96 1.13 20.02
CA GLY A 268 22.92 0.14 18.96
C GLY A 268 22.69 0.68 17.58
N ASP A 269 22.59 2.00 17.41
CA ASP A 269 22.36 2.60 16.10
C ASP A 269 23.04 3.96 16.06
N MET A 270 23.25 4.46 14.84
CA MET A 270 23.88 5.76 14.66
C MET A 270 23.02 6.87 15.25
N TRP A 271 21.70 6.73 15.15
CA TRP A 271 20.77 7.74 15.65
C TRP A 271 20.01 7.31 16.90
N GLY A 272 19.79 6.01 17.08
CA GLY A 272 19.01 5.51 18.20
C GLY A 272 17.57 5.20 17.89
N ARG A 273 17.24 4.94 16.63
CA ARG A 273 15.84 4.70 16.27
C ARG A 273 15.37 3.34 16.77
N PHE A 274 16.18 2.29 16.57
CA PHE A 274 15.84 0.94 16.99
C PHE A 274 16.88 0.46 17.98
N TRP A 275 16.42 0.00 19.15
CA TRP A 275 17.29 -0.56 20.17
C TRP A 275 17.38 -2.08 20.10
N THR A 276 17.10 -2.67 18.94
CA THR A 276 17.14 -4.12 18.82
C THR A 276 18.56 -4.66 18.91
N ASN A 277 19.57 -3.84 18.63
CA ASN A 277 20.96 -4.29 18.69
C ASN A 277 21.45 -4.47 20.12
N LEU A 278 20.68 -4.05 21.12
CA LEU A 278 21.07 -4.19 22.51
C LEU A 278 20.53 -5.48 23.15
N TYR A 279 19.98 -6.39 22.35
CA TYR A 279 19.46 -7.63 22.90
C TYR A 279 20.55 -8.52 23.50
N PRO A 280 21.71 -8.74 22.87
CA PRO A 280 22.75 -9.53 23.54
C PRO A 280 23.24 -8.91 24.84
N LEU A 281 23.22 -7.59 24.96
CA LEU A 281 23.64 -6.93 26.18
C LEU A 281 22.50 -6.77 27.19
N THR A 282 21.25 -6.74 26.72
CA THR A 282 20.08 -6.62 27.58
C THR A 282 19.18 -7.81 27.30
N VAL A 283 19.41 -8.91 28.03
CA VAL A 283 18.65 -10.14 27.88
C VAL A 283 18.13 -10.54 29.25
N PRO A 284 16.83 -10.83 29.39
CA PRO A 284 16.33 -11.24 30.71
C PRO A 284 16.90 -12.58 31.18
N PHE A 285 16.80 -13.62 30.34
CA PHE A 285 17.29 -14.95 30.68
C PHE A 285 18.16 -15.44 29.53
N ALA A 286 19.47 -15.44 29.73
CA ALA A 286 20.39 -15.87 28.69
C ALA A 286 20.42 -17.39 28.54
N GLN A 287 20.07 -18.13 29.59
CA GLN A 287 20.09 -19.59 29.55
C GLN A 287 18.96 -20.18 28.71
N LYS A 288 18.05 -19.36 28.20
CA LYS A 288 16.97 -19.83 27.33
C LYS A 288 16.84 -18.86 26.17
N PRO A 289 17.57 -19.09 25.08
CA PRO A 289 17.50 -18.19 23.92
C PRO A 289 16.13 -18.22 23.27
N ASN A 290 15.93 -17.29 22.33
CA ASN A 290 14.68 -17.20 21.61
C ASN A 290 14.48 -18.42 20.71
N ILE A 291 13.27 -18.51 20.15
CA ILE A 291 12.88 -19.63 19.30
C ILE A 291 13.23 -19.28 17.86
N ASP A 292 14.00 -20.13 17.22
CA ASP A 292 14.39 -19.95 15.81
C ASP A 292 14.03 -21.22 15.05
N VAL A 293 13.28 -21.07 13.97
CA VAL A 293 12.82 -22.21 13.18
C VAL A 293 13.62 -22.33 11.88
N THR A 294 14.83 -21.78 11.83
CA THR A 294 15.64 -21.85 10.62
C THR A 294 16.10 -23.28 10.36
N ASP A 295 16.69 -23.93 11.38
CA ASP A 295 17.15 -25.29 11.21
C ASP A 295 15.99 -26.26 11.01
N ALA A 296 14.88 -26.04 11.73
CA ALA A 296 13.71 -26.88 11.55
C ALA A 296 13.12 -26.73 10.16
N MET A 297 13.21 -25.54 9.56
CA MET A 297 12.74 -25.35 8.20
C MET A 297 13.71 -25.96 7.19
N MET A 298 15.01 -25.92 7.47
CA MET A 298 15.99 -26.53 6.58
C MET A 298 15.92 -28.05 6.59
N ASN A 299 15.59 -28.64 7.74
CA ASN A 299 15.52 -30.11 7.82
C ASN A 299 14.36 -30.65 6.99
N GLN A 300 13.22 -29.95 7.01
CA GLN A 300 12.06 -30.40 6.25
C GLN A 300 12.20 -30.19 4.76
N GLY A 301 13.23 -29.46 4.31
CA GLY A 301 13.43 -29.25 2.90
C GLY A 301 12.56 -28.19 2.27
N TRP A 302 12.18 -27.16 3.03
CA TRP A 302 11.34 -26.10 2.49
C TRP A 302 12.16 -25.17 1.60
N ASP A 303 11.46 -24.23 0.98
CA ASP A 303 12.08 -23.23 0.12
C ASP A 303 11.16 -22.02 0.04
N ALA A 304 11.44 -21.13 -0.92
CA ALA A 304 10.68 -19.89 -1.04
C ALA A 304 9.23 -20.17 -1.40
N GLU A 305 9.00 -21.04 -2.38
CA GLU A 305 7.64 -21.33 -2.81
C GLU A 305 6.84 -21.98 -1.69
N ARG A 306 7.48 -22.81 -0.87
CA ARG A 306 6.79 -23.39 0.27
C ARG A 306 6.39 -22.33 1.29
N ILE A 307 7.29 -21.37 1.54
CA ILE A 307 6.96 -20.28 2.46
C ILE A 307 5.79 -19.47 1.93
N PHE A 308 5.79 -19.15 0.64
CA PHE A 308 4.68 -18.39 0.08
C PHE A 308 3.38 -19.19 0.09
N GLN A 309 3.45 -20.50 -0.12
CA GLN A 309 2.24 -21.32 -0.04
C GLN A 309 1.70 -21.37 1.38
N GLU A 310 2.58 -21.47 2.38
CA GLU A 310 2.13 -21.44 3.77
C GLU A 310 1.52 -20.10 4.12
N ALA A 311 2.11 -19.00 3.62
CA ALA A 311 1.54 -17.68 3.86
C ALA A 311 0.17 -17.54 3.20
N GLU A 312 0.03 -18.07 1.98
CA GLU A 312 -1.27 -18.05 1.31
C GLU A 312 -2.31 -18.85 2.08
N LYS A 313 -1.92 -20.02 2.60
CA LYS A 313 -2.83 -20.82 3.40
C LYS A 313 -3.24 -20.08 4.67
N PHE A 314 -2.29 -19.40 5.31
CA PHE A 314 -2.61 -18.61 6.50
C PHE A 314 -3.59 -17.49 6.18
N PHE A 315 -3.35 -16.79 5.07
CA PHE A 315 -4.25 -15.69 4.69
C PHE A 315 -5.62 -16.18 4.25
N VAL A 316 -5.72 -17.39 3.70
CA VAL A 316 -7.02 -17.92 3.31
C VAL A 316 -7.77 -18.48 4.51
N SER A 317 -7.05 -18.99 5.51
CA SER A 317 -7.69 -19.58 6.68
C SER A 317 -8.51 -18.55 7.45
N VAL A 318 -8.00 -17.31 7.54
CA VAL A 318 -8.70 -16.27 8.28
C VAL A 318 -9.95 -15.79 7.56
N GLY A 319 -10.08 -16.11 6.27
CA GLY A 319 -11.26 -15.72 5.52
C GLY A 319 -11.04 -14.55 4.58
N LEU A 320 -9.92 -14.55 3.88
CA LEU A 320 -9.59 -13.53 2.89
C LEU A 320 -9.64 -14.11 1.49
N PRO A 321 -9.79 -13.27 0.46
CA PRO A 321 -9.82 -13.77 -0.92
C PRO A 321 -8.53 -14.49 -1.27
N HIS A 322 -8.63 -15.33 -2.30
CA HIS A 322 -7.51 -16.16 -2.71
C HIS A 322 -6.58 -15.38 -3.64
N MET A 323 -5.31 -15.79 -3.64
CA MET A 323 -4.31 -15.12 -4.47
C MET A 323 -4.59 -15.37 -5.96
N THR A 324 -4.13 -14.43 -6.77
CA THR A 324 -4.33 -14.54 -8.21
C THR A 324 -3.34 -15.52 -8.82
N GLN A 325 -3.67 -16.01 -10.01
CA GLN A 325 -2.79 -16.95 -10.70
C GLN A 325 -1.50 -16.30 -11.17
N GLY A 326 -1.55 -15.00 -11.48
CA GLY A 326 -0.35 -14.30 -11.92
C GLY A 326 0.67 -14.07 -10.82
N PHE A 327 0.25 -14.16 -9.56
CA PHE A 327 1.16 -13.96 -8.44
C PHE A 327 2.25 -15.03 -8.39
N TRP A 328 1.96 -16.23 -8.90
CA TRP A 328 2.94 -17.32 -8.89
C TRP A 328 3.71 -17.44 -10.20
N ALA A 329 3.37 -16.64 -11.20
CA ALA A 329 4.03 -16.70 -12.51
C ALA A 329 4.83 -15.45 -12.83
N ASN A 330 4.22 -14.27 -12.73
CA ASN A 330 4.89 -13.03 -13.10
C ASN A 330 5.70 -12.43 -11.97
N SER A 331 5.42 -12.80 -10.72
CA SER A 331 6.16 -12.25 -9.59
C SER A 331 7.46 -13.02 -9.37
N MET A 332 8.49 -12.29 -8.96
CA MET A 332 9.81 -12.87 -8.69
C MET A 332 9.92 -13.11 -7.19
N LEU A 333 9.58 -14.33 -6.78
CA LEU A 333 9.59 -14.67 -5.37
C LEU A 333 10.97 -15.03 -4.85
N THR A 334 11.84 -15.56 -5.72
CA THR A 334 13.17 -15.99 -5.33
C THR A 334 14.22 -15.17 -6.08
N GLU A 335 15.45 -15.24 -5.60
CA GLU A 335 16.55 -14.52 -6.23
C GLU A 335 16.85 -15.14 -7.60
N PRO A 336 16.95 -14.34 -8.66
CA PRO A 336 17.19 -14.91 -10.00
C PRO A 336 18.62 -15.41 -10.13
N ALA A 337 18.78 -16.60 -10.70
CA ALA A 337 20.08 -17.18 -10.96
C ALA A 337 20.56 -16.91 -12.38
N ASP A 338 19.83 -16.11 -13.15
CA ASP A 338 20.20 -15.78 -14.53
C ASP A 338 21.13 -14.57 -14.62
N GLY A 339 21.69 -14.13 -13.49
CA GLY A 339 22.58 -13.00 -13.50
C GLY A 339 21.91 -11.64 -13.42
N ARG A 340 20.64 -11.59 -13.03
CA ARG A 340 19.93 -10.32 -12.93
C ARG A 340 20.24 -9.67 -11.58
N LYS A 341 20.53 -8.37 -11.61
CA LYS A 341 20.88 -7.60 -10.42
C LYS A 341 19.62 -6.91 -9.89
N VAL A 342 19.14 -7.38 -8.75
CA VAL A 342 17.95 -6.81 -8.11
C VAL A 342 18.39 -6.04 -6.88
N VAL A 343 17.51 -5.16 -6.41
CA VAL A 343 17.81 -4.35 -5.24
C VAL A 343 17.87 -5.22 -3.98
N CYS A 344 17.21 -6.39 -4.03
CA CYS A 344 17.28 -7.38 -2.96
C CYS A 344 16.69 -6.84 -1.65
N HIS A 345 15.46 -6.34 -1.73
CA HIS A 345 14.71 -5.91 -0.56
C HIS A 345 13.22 -6.15 -0.79
N PRO A 346 12.46 -6.46 0.26
CA PRO A 346 11.05 -6.81 0.06
C PRO A 346 10.22 -5.61 -0.37
N THR A 347 9.35 -5.84 -1.35
CA THR A 347 8.44 -4.82 -1.86
C THR A 347 7.21 -5.49 -2.44
N ALA A 348 6.05 -4.88 -2.22
CA ALA A 348 4.78 -5.37 -2.73
C ALA A 348 4.28 -4.39 -3.79
N TRP A 349 4.31 -4.82 -5.06
CA TRP A 349 3.93 -3.97 -6.18
C TRP A 349 2.50 -4.26 -6.59
N ASP A 350 1.73 -3.19 -6.83
CA ASP A 350 0.36 -3.28 -7.32
C ASP A 350 0.32 -2.51 -8.64
N LEU A 351 0.52 -3.23 -9.75
CA LEU A 351 0.58 -2.59 -11.06
C LEU A 351 -0.78 -2.12 -11.53
N GLY A 352 -1.86 -2.76 -11.10
CA GLY A 352 -3.20 -2.41 -11.52
C GLY A 352 -3.80 -3.46 -12.43
N HIS A 353 -5.13 -3.35 -12.61
CA HIS A 353 -5.91 -4.27 -13.42
C HIS A 353 -5.76 -5.71 -12.93
N GLY A 354 -5.61 -5.88 -11.63
CA GLY A 354 -5.45 -7.22 -11.07
C GLY A 354 -4.06 -7.77 -11.12
N ASP A 355 -3.03 -6.92 -11.09
CA ASP A 355 -1.64 -7.34 -11.14
C ASP A 355 -1.00 -7.02 -9.79
N PHE A 356 -0.76 -8.05 -8.99
CA PHE A 356 -0.17 -7.91 -7.66
C PHE A 356 1.05 -8.83 -7.58
N ARG A 357 2.22 -8.26 -7.35
CA ARG A 357 3.46 -9.01 -7.34
C ARG A 357 4.25 -8.67 -6.08
N ILE A 358 5.21 -9.53 -5.76
CA ILE A 358 6.09 -9.33 -4.61
C ILE A 358 7.53 -9.57 -5.06
N LYS A 359 8.36 -8.54 -4.91
CA LYS A 359 9.79 -8.63 -5.22
C LYS A 359 10.54 -8.66 -3.91
N MET A 360 11.09 -9.82 -3.56
CA MET A 360 11.71 -10.00 -2.25
C MET A 360 12.89 -10.93 -2.38
N CYS A 361 13.95 -10.63 -1.62
CA CYS A 361 15.14 -11.48 -1.54
C CYS A 361 14.87 -12.62 -0.55
N THR A 362 13.87 -13.42 -0.89
CA THR A 362 13.36 -14.44 0.02
C THR A 362 14.37 -15.59 0.17
N LYS A 363 14.55 -16.04 1.40
CA LYS A 363 15.39 -17.19 1.71
C LYS A 363 14.61 -18.10 2.65
N VAL A 364 15.30 -19.11 3.18
CA VAL A 364 14.67 -20.10 4.04
C VAL A 364 14.84 -19.72 5.51
N THR A 365 15.24 -18.47 5.75
CA THR A 365 15.43 -18.00 7.11
C THR A 365 14.09 -17.63 7.74
N MET A 366 14.13 -17.32 9.05
CA MET A 366 12.92 -17.00 9.79
C MET A 366 12.49 -15.56 9.57
N ASP A 367 13.45 -14.63 9.51
CA ASP A 367 13.11 -13.23 9.28
C ASP A 367 12.46 -13.05 7.91
N ASN A 368 12.98 -13.73 6.89
CA ASN A 368 12.34 -13.69 5.58
C ASN A 368 10.99 -14.41 5.61
N PHE A 369 10.87 -15.46 6.42
CA PHE A 369 9.58 -16.15 6.57
C PHE A 369 8.52 -15.22 7.12
N LEU A 370 8.90 -14.36 8.08
CA LEU A 370 7.95 -13.40 8.63
C LEU A 370 7.70 -12.23 7.68
N THR A 371 8.75 -11.80 6.94
CA THR A 371 8.57 -10.72 5.99
C THR A 371 7.65 -11.14 4.84
N ALA A 372 7.68 -12.42 4.46
CA ALA A 372 6.78 -12.90 3.41
C ALA A 372 5.32 -12.74 3.83
N HIS A 373 5.02 -13.01 5.11
CA HIS A 373 3.67 -12.78 5.60
C HIS A 373 3.39 -11.29 5.77
N HIS A 374 4.42 -10.51 6.08
CA HIS A 374 4.24 -9.07 6.23
C HIS A 374 3.93 -8.41 4.89
N GLU A 375 4.70 -8.74 3.84
CA GLU A 375 4.48 -8.12 2.54
C GLU A 375 3.22 -8.62 1.86
N MET A 376 2.82 -9.86 2.13
CA MET A 376 1.60 -10.39 1.55
C MET A 376 0.37 -9.68 2.10
N GLY A 377 0.48 -9.13 3.30
CA GLY A 377 -0.62 -8.33 3.84
C GLY A 377 -0.91 -7.09 3.00
N HIS A 378 0.16 -6.45 2.52
CA HIS A 378 -0.02 -5.31 1.62
C HIS A 378 -0.71 -5.72 0.33
N ILE A 379 -0.40 -6.92 -0.17
CA ILE A 379 -1.04 -7.41 -1.38
C ILE A 379 -2.52 -7.67 -1.12
N GLN A 380 -2.83 -8.32 0.00
CA GLN A 380 -4.24 -8.58 0.35
C GLN A 380 -5.00 -7.27 0.54
N TYR A 381 -4.33 -6.24 1.05
CA TYR A 381 -4.95 -4.93 1.15
C TYR A 381 -5.22 -4.36 -0.24
N ASP A 382 -4.22 -4.43 -1.13
CA ASP A 382 -4.39 -3.90 -2.49
C ASP A 382 -5.48 -4.66 -3.25
N MET A 383 -5.66 -5.95 -2.96
CA MET A 383 -6.70 -6.74 -3.62
C MET A 383 -8.09 -6.47 -3.06
N ALA A 384 -8.21 -5.63 -2.04
CA ALA A 384 -9.50 -5.34 -1.40
C ALA A 384 -10.15 -4.08 -1.96
N TYR A 385 -9.44 -2.96 -1.98
CA TYR A 385 -9.98 -1.70 -2.48
C TYR A 385 -9.86 -1.57 -4.00
N ALA A 386 -9.67 -2.66 -4.73
CA ALA A 386 -9.58 -2.59 -6.18
C ALA A 386 -10.90 -2.19 -6.82
N ARG A 387 -12.02 -2.40 -6.12
CA ARG A 387 -13.32 -2.00 -6.64
C ARG A 387 -13.56 -0.49 -6.53
N GLN A 388 -12.78 0.21 -5.71
CA GLN A 388 -12.92 1.64 -5.58
C GLN A 388 -12.31 2.35 -6.79
N PRO A 389 -12.73 3.58 -7.06
CA PRO A 389 -12.12 4.34 -8.17
C PRO A 389 -10.64 4.56 -7.95
N PHE A 390 -9.94 4.89 -9.04
CA PHE A 390 -8.48 5.02 -8.99
C PHE A 390 -8.04 6.11 -8.02
N LEU A 391 -8.81 7.18 -7.90
CA LEU A 391 -8.48 8.24 -6.95
C LEU A 391 -8.71 7.83 -5.49
N LEU A 392 -9.22 6.61 -5.25
CA LEU A 392 -9.47 6.13 -3.91
C LEU A 392 -8.82 4.76 -3.67
N ARG A 393 -7.88 4.36 -4.52
CA ARG A 393 -7.20 3.08 -4.38
C ARG A 393 -5.93 3.25 -3.53
N ASN A 394 -6.17 3.54 -2.25
CA ASN A 394 -5.08 3.71 -1.30
C ASN A 394 -5.65 3.53 0.11
N GLY A 395 -4.75 3.36 1.07
CA GLY A 395 -5.16 3.19 2.45
C GLY A 395 -5.81 4.44 3.01
N ALA A 396 -6.31 4.28 4.25
CA ALA A 396 -6.94 5.41 4.93
C ALA A 396 -5.95 6.55 5.15
N ASN A 397 -4.78 6.23 5.71
CA ASN A 397 -3.71 7.19 5.89
C ASN A 397 -2.38 6.47 5.77
N GLU A 398 -1.29 7.23 5.95
CA GLU A 398 0.04 6.66 5.86
C GLU A 398 0.33 5.63 6.95
N GLY A 399 -0.41 5.68 8.06
CA GLY A 399 -0.24 4.71 9.13
C GLY A 399 -1.13 3.50 9.05
N PHE A 400 -1.99 3.42 8.03
CA PHE A 400 -2.93 2.32 7.90
C PHE A 400 -2.41 1.20 6.99
N HIS A 401 -1.87 1.56 5.82
CA HIS A 401 -1.45 0.56 4.85
C HIS A 401 -0.36 -0.35 5.43
N GLU A 402 0.61 0.24 6.13
CA GLU A 402 1.66 -0.54 6.75
C GLU A 402 1.22 -1.22 8.04
N ALA A 403 0.01 -0.94 8.52
CA ALA A 403 -0.49 -1.56 9.75
C ALA A 403 -1.23 -2.87 9.50
N VAL A 404 -1.67 -3.11 8.27
CA VAL A 404 -2.42 -4.34 7.99
C VAL A 404 -1.49 -5.53 7.82
N GLY A 405 -0.30 -5.31 7.26
CA GLY A 405 0.64 -6.40 7.05
C GLY A 405 1.45 -6.73 8.28
N GLU A 406 1.58 -5.75 9.19
CA GLU A 406 2.39 -5.97 10.39
C GLU A 406 1.68 -6.88 11.38
N ILE A 407 0.35 -6.80 11.46
CA ILE A 407 -0.39 -7.63 12.41
C ILE A 407 -0.36 -9.09 11.99
N MET A 408 -0.14 -9.35 10.71
CA MET A 408 -0.07 -10.74 10.23
C MET A 408 1.17 -11.44 10.78
N SER A 409 2.31 -10.74 10.82
CA SER A 409 3.52 -11.32 11.37
C SER A 409 3.39 -11.56 12.88
N LEU A 410 2.68 -10.67 13.57
CA LEU A 410 2.49 -10.84 15.01
C LEU A 410 1.66 -12.08 15.32
N SER A 411 0.78 -12.48 14.41
CA SER A 411 -0.02 -13.69 14.59
C SER A 411 0.65 -14.93 14.02
N ALA A 412 1.55 -14.77 13.05
CA ALA A 412 2.25 -15.89 12.45
C ALA A 412 3.56 -16.23 13.16
N ALA A 413 4.04 -15.36 14.06
CA ALA A 413 5.27 -15.59 14.80
C ALA A 413 5.02 -16.08 16.22
N THR A 414 3.84 -16.64 16.48
CA THR A 414 3.49 -17.14 17.80
C THR A 414 3.85 -18.62 17.91
N PRO A 415 4.19 -19.08 19.12
CA PRO A 415 4.51 -20.51 19.29
C PRO A 415 3.35 -21.44 18.99
N LYS A 416 2.11 -20.94 19.00
CA LYS A 416 0.97 -21.79 18.69
C LYS A 416 0.83 -22.01 17.19
N HIS A 417 1.08 -20.97 16.39
CA HIS A 417 0.96 -21.10 14.94
C HIS A 417 2.09 -21.95 14.37
N LEU A 418 3.29 -21.87 14.96
CA LEU A 418 4.41 -22.64 14.45
C LEU A 418 4.21 -24.14 14.65
N LYS A 419 3.50 -24.53 15.72
CA LYS A 419 3.24 -25.95 15.95
C LYS A 419 2.18 -26.49 15.02
N SER A 420 1.21 -25.66 14.61
CA SER A 420 0.18 -26.11 13.68
C SER A 420 0.75 -26.36 12.29
N ILE A 421 1.65 -25.49 11.83
CA ILE A 421 2.25 -25.65 10.52
C ILE A 421 3.24 -26.80 10.49
N GLY A 422 3.98 -27.03 11.56
CA GLY A 422 4.93 -28.11 11.63
C GLY A 422 6.37 -27.69 11.86
N LEU A 423 6.62 -26.43 12.22
CA LEU A 423 8.00 -25.99 12.46
C LEU A 423 8.46 -26.36 13.86
N LEU A 424 7.55 -26.37 14.84
CA LEU A 424 7.88 -26.74 16.21
C LEU A 424 7.19 -28.05 16.56
N PRO A 425 7.90 -29.03 17.12
CA PRO A 425 7.25 -30.30 17.47
C PRO A 425 6.17 -30.15 18.53
N SER A 426 5.32 -31.17 18.66
CA SER A 426 4.21 -31.10 19.60
C SER A 426 4.65 -31.23 21.06
N ASP A 427 5.83 -31.82 21.31
CA ASP A 427 6.29 -32.00 22.68
C ASP A 427 6.76 -30.70 23.32
N PHE A 428 6.91 -29.63 22.55
CA PHE A 428 7.35 -28.35 23.09
C PHE A 428 6.21 -27.67 23.84
N GLN A 429 6.55 -27.02 24.94
CA GLN A 429 5.59 -26.30 25.77
C GLN A 429 6.06 -24.87 25.97
N GLU A 430 5.11 -23.95 26.08
CA GLU A 430 5.43 -22.54 26.27
C GLU A 430 5.99 -22.30 27.67
N ASP A 431 7.14 -21.65 27.74
CA ASP A 431 7.79 -21.33 29.00
C ASP A 431 7.66 -19.84 29.28
N SER A 432 7.75 -19.50 30.57
CA SER A 432 7.59 -18.10 30.98
C SER A 432 8.82 -17.27 30.62
N GLU A 433 10.02 -17.82 30.83
CA GLU A 433 11.24 -17.08 30.54
C GLU A 433 11.37 -16.80 29.05
N THR A 434 11.00 -17.77 28.20
CA THR A 434 11.06 -17.55 26.77
C THR A 434 10.08 -16.47 26.32
N GLU A 435 8.87 -16.46 26.89
CA GLU A 435 7.90 -15.42 26.55
C GLU A 435 8.38 -14.05 27.02
N ILE A 436 9.01 -14.00 28.20
CA ILE A 436 9.53 -12.72 28.70
C ILE A 436 10.65 -12.22 27.79
N ASN A 437 11.54 -13.11 27.37
CA ASN A 437 12.62 -12.72 26.46
C ASN A 437 12.07 -12.24 25.13
N PHE A 438 11.04 -12.92 24.60
CA PHE A 438 10.45 -12.51 23.35
C PHE A 438 9.78 -11.13 23.48
N LEU A 439 9.06 -10.91 24.58
CA LEU A 439 8.43 -9.60 24.79
C LEU A 439 9.48 -8.51 24.93
N LEU A 440 10.60 -8.80 25.59
CA LEU A 440 11.65 -7.80 25.73
C LEU A 440 12.28 -7.49 24.38
N LYS A 441 12.54 -8.52 23.57
CA LYS A 441 13.12 -8.30 22.25
C LYS A 441 12.17 -7.53 21.34
N GLN A 442 10.86 -7.75 21.49
CA GLN A 442 9.90 -7.00 20.70
C GLN A 442 9.74 -5.57 21.20
N ALA A 443 9.89 -5.34 22.50
CA ALA A 443 9.79 -3.98 23.03
C ALA A 443 11.03 -3.17 22.69
N LEU A 444 12.18 -3.82 22.57
CA LEU A 444 13.40 -3.11 22.17
C LEU A 444 13.30 -2.55 20.76
N THR A 445 12.36 -3.05 19.95
CA THR A 445 12.19 -2.59 18.58
C THR A 445 10.91 -1.80 18.36
N ILE A 446 9.85 -2.09 19.12
CA ILE A 446 8.55 -1.45 18.92
C ILE A 446 8.32 -0.32 19.92
N VAL A 447 8.67 -0.54 21.19
CA VAL A 447 8.42 0.48 22.20
C VAL A 447 9.52 1.53 22.20
N GLY A 448 10.76 1.14 21.91
CA GLY A 448 11.87 2.07 21.96
C GLY A 448 11.92 3.07 20.82
N THR A 449 11.16 2.84 19.75
CA THR A 449 11.16 3.72 18.60
C THR A 449 10.07 4.79 18.66
N LEU A 450 9.18 4.73 19.64
CA LEU A 450 8.09 5.69 19.74
C LEU A 450 8.55 7.03 20.31
N PRO A 451 9.31 7.08 21.43
CA PRO A 451 9.75 8.39 21.93
C PRO A 451 10.67 9.11 20.96
N PHE A 452 11.58 8.40 20.30
CA PHE A 452 12.46 9.05 19.33
C PHE A 452 11.67 9.64 18.17
N THR A 453 10.71 8.88 17.64
CA THR A 453 9.88 9.36 16.55
C THR A 453 9.07 10.58 16.99
N TYR A 454 8.46 10.52 18.17
CA TYR A 454 7.66 11.63 18.66
C TYR A 454 8.51 12.87 18.85
N MET A 455 9.70 12.72 19.43
CA MET A 455 10.57 13.87 19.65
C MET A 455 11.03 14.48 18.34
N LEU A 456 11.41 13.63 17.37
CA LEU A 456 11.86 14.15 16.09
C LEU A 456 10.74 14.88 15.36
N GLU A 457 9.53 14.32 15.40
CA GLU A 457 8.40 14.96 14.73
C GLU A 457 8.04 16.27 15.41
N LYS A 458 8.06 16.32 16.74
CA LYS A 458 7.78 17.56 17.46
C LYS A 458 8.82 18.62 17.13
N TRP A 459 10.10 18.22 17.07
CA TRP A 459 11.16 19.15 16.72
C TRP A 459 10.97 19.71 15.31
N ARG A 460 10.69 18.83 14.35
CA ARG A 460 10.51 19.29 12.97
C ARG A 460 9.27 20.19 12.85
N TRP A 461 8.22 19.88 13.59
CA TRP A 461 7.02 20.71 13.56
C TRP A 461 7.29 22.09 14.13
N MET A 462 7.97 22.16 15.29
CA MET A 462 8.27 23.45 15.89
C MET A 462 9.30 24.23 15.10
N VAL A 463 10.15 23.56 14.32
CA VAL A 463 11.09 24.28 13.48
C VAL A 463 10.39 24.83 12.25
N PHE A 464 9.55 24.01 11.60
CA PHE A 464 8.81 24.49 10.43
C PHE A 464 7.82 25.58 10.79
N ARG A 465 7.22 25.50 11.98
CA ARG A 465 6.24 26.49 12.43
C ARG A 465 6.89 27.80 12.86
N GLY A 466 8.21 27.90 12.84
CA GLY A 466 8.89 29.10 13.25
C GLY A 466 8.92 29.36 14.75
N GLU A 467 8.57 28.37 15.57
CA GLU A 467 8.61 28.55 17.01
C GLU A 467 10.03 28.47 17.54
N ILE A 468 10.89 27.68 16.91
CA ILE A 468 12.29 27.54 17.32
C ILE A 468 13.13 28.47 16.44
N PRO A 469 13.81 29.47 17.01
CA PRO A 469 14.66 30.33 16.19
C PRO A 469 15.80 29.54 15.56
N LYS A 470 16.28 30.04 14.42
CA LYS A 470 17.35 29.36 13.70
C LYS A 470 18.68 29.42 14.42
N GLU A 471 18.79 30.17 15.53
CA GLU A 471 20.00 30.21 16.33
C GLU A 471 19.96 29.25 17.50
N GLN A 472 18.89 28.44 17.62
CA GLN A 472 18.73 27.53 18.74
C GLN A 472 18.23 26.17 18.30
N TRP A 473 18.62 25.72 17.10
CA TRP A 473 18.19 24.42 16.61
C TRP A 473 18.81 23.30 17.42
N MET A 474 20.15 23.27 17.50
CA MET A 474 20.82 22.18 18.21
C MET A 474 20.56 22.23 19.70
N LYS A 475 20.49 23.43 20.29
CA LYS A 475 20.20 23.55 21.72
C LYS A 475 18.87 22.92 22.06
N LYS A 476 17.81 23.33 21.34
CA LYS A 476 16.48 22.76 21.60
C LYS A 476 16.42 21.28 21.25
N TRP A 477 17.15 20.87 20.21
CA TRP A 477 17.17 19.44 19.85
C TRP A 477 17.74 18.60 20.98
N TRP A 478 18.89 19.00 21.51
CA TRP A 478 19.50 18.23 22.60
C TRP A 478 18.75 18.40 23.91
N GLU A 479 18.00 19.51 24.06
CA GLU A 479 17.15 19.65 25.25
C GLU A 479 15.97 18.70 25.18
N MET A 480 15.40 18.51 23.98
CA MET A 480 14.32 17.54 23.81
C MET A 480 14.85 16.11 23.89
N LYS A 481 16.10 15.90 23.51
CA LYS A 481 16.71 14.57 23.64
C LYS A 481 16.78 14.12 25.09
N ARG A 482 16.79 15.05 26.04
CA ARG A 482 16.88 14.71 27.46
C ARG A 482 15.52 14.53 28.11
N GLU A 483 14.50 15.24 27.64
CA GLU A 483 13.19 15.22 28.28
C GLU A 483 12.26 14.15 27.72
N ILE A 484 12.34 13.87 26.43
CA ILE A 484 11.43 12.93 25.78
C ILE A 484 12.08 11.56 25.65
N VAL A 485 13.20 11.50 24.93
CA VAL A 485 13.87 10.22 24.71
C VAL A 485 14.80 9.85 25.85
N GLY A 486 15.30 10.84 26.61
CA GLY A 486 16.24 10.55 27.67
C GLY A 486 17.62 10.18 27.17
N VAL A 487 18.10 10.87 26.13
CA VAL A 487 19.41 10.62 25.55
C VAL A 487 20.25 11.88 25.72
N VAL A 488 21.48 11.70 26.19
CA VAL A 488 22.40 12.80 26.41
C VAL A 488 23.55 12.67 25.43
N GLU A 489 24.05 13.82 24.96
CA GLU A 489 25.15 13.79 24.02
C GLU A 489 26.47 13.55 24.75
N PRO A 490 27.36 12.74 24.17
CA PRO A 490 28.66 12.51 24.82
C PRO A 490 29.66 13.64 24.65
N LEU A 491 29.47 14.50 23.67
CA LEU A 491 30.33 15.65 23.43
C LEU A 491 29.48 16.86 23.07
N PRO A 492 29.91 18.06 23.46
CA PRO A 492 29.10 19.24 23.18
C PRO A 492 29.07 19.56 21.69
N HIS A 493 27.87 19.89 21.20
CA HIS A 493 27.67 20.25 19.80
C HIS A 493 26.90 21.56 19.75
N ASP A 494 27.55 22.61 19.26
CA ASP A 494 26.92 23.93 19.16
C ASP A 494 26.04 23.98 17.91
N GLU A 495 25.57 25.18 17.56
CA GLU A 495 24.68 25.34 16.42
C GLU A 495 25.39 25.14 15.08
N THR A 496 26.70 24.91 15.08
CA THR A 496 27.42 24.69 13.83
C THR A 496 27.07 23.36 13.17
N TYR A 497 26.60 22.40 13.96
CA TYR A 497 26.23 21.09 13.43
C TYR A 497 24.72 21.04 13.16
N CYS A 498 24.30 19.96 12.50
CA CYS A 498 22.88 19.69 12.27
C CYS A 498 22.69 18.17 12.35
N ASP A 499 22.42 17.70 13.56
CA ASP A 499 22.27 16.26 13.81
C ASP A 499 20.90 15.74 13.36
N PRO A 500 19.80 16.51 13.53
CA PRO A 500 18.53 16.09 12.92
C PRO A 500 18.65 15.70 11.46
N ALA A 501 19.39 16.47 10.66
CA ALA A 501 19.51 16.20 9.23
C ALA A 501 20.29 14.92 8.94
N SER A 502 20.98 14.36 9.93
CA SER A 502 21.76 13.14 9.73
C SER A 502 20.90 11.92 9.46
N LEU A 503 19.58 11.99 9.70
CA LEU A 503 18.71 10.87 9.46
C LEU A 503 18.30 10.80 7.99
N PHE A 504 18.05 9.58 7.51
CA PHE A 504 17.63 9.39 6.13
C PHE A 504 16.29 10.05 5.86
N HIS A 505 15.35 9.91 6.80
CA HIS A 505 14.01 10.49 6.61
C HIS A 505 14.01 12.00 6.72
N VAL A 506 15.02 12.59 7.34
CA VAL A 506 15.08 14.05 7.47
C VAL A 506 15.80 14.66 6.27
N SER A 507 16.93 14.07 5.88
CA SER A 507 17.67 14.57 4.72
C SER A 507 16.82 14.46 3.45
N ASN A 508 16.45 13.23 3.09
CA ASN A 508 15.53 13.02 1.97
C ASN A 508 14.10 13.32 2.41
N ASP A 509 13.37 14.07 1.58
CA ASP A 509 12.00 14.44 1.91
C ASP A 509 11.12 13.22 2.11
N TYR A 510 10.68 12.98 3.34
CA TYR A 510 9.86 11.83 3.70
C TYR A 510 9.22 12.10 5.05
N SER A 511 8.02 11.56 5.25
CA SER A 511 7.32 11.71 6.51
C SER A 511 7.81 10.68 7.52
N PHE A 512 7.77 11.06 8.81
CA PHE A 512 8.23 10.21 9.89
C PHE A 512 7.19 9.98 10.97
N ILE A 513 6.08 10.74 10.97
CA ILE A 513 5.03 10.52 11.96
C ILE A 513 4.21 9.28 11.64
N ARG A 514 4.33 8.75 10.42
CA ARG A 514 3.53 7.58 10.04
C ARG A 514 3.90 6.35 10.86
N TYR A 515 5.11 6.29 11.39
CA TYR A 515 5.54 5.11 12.13
C TYR A 515 4.85 5.01 13.48
N TYR A 516 4.67 6.14 14.17
CA TYR A 516 3.98 6.13 15.45
C TYR A 516 2.51 5.72 15.28
N THR A 517 1.84 6.31 14.29
CA THR A 517 0.46 5.94 14.01
C THR A 517 0.35 4.48 13.58
N ARG A 518 1.33 3.99 12.82
CA ARG A 518 1.34 2.58 12.44
C ARG A 518 1.48 1.68 13.66
N THR A 519 2.37 2.05 14.58
CA THR A 519 2.59 1.26 15.78
C THR A 519 1.35 1.23 16.67
N ILE A 520 0.62 2.34 16.71
CA ILE A 520 -0.62 2.36 17.49
C ILE A 520 -1.69 1.51 16.80
N TYR A 521 -1.86 1.70 15.49
CA TYR A 521 -2.94 1.05 14.77
C TYR A 521 -2.73 -0.45 14.66
N GLN A 522 -1.48 -0.93 14.64
CA GLN A 522 -1.26 -2.37 14.56
C GLN A 522 -1.73 -3.06 15.83
N PHE A 523 -1.42 -2.48 16.99
CA PHE A 523 -1.90 -3.06 18.25
C PHE A 523 -3.42 -2.91 18.37
N GLN A 524 -3.96 -1.78 17.91
CA GLN A 524 -5.41 -1.62 17.92
C GLN A 524 -6.10 -2.71 17.09
N PHE A 525 -5.60 -2.94 15.87
CA PHE A 525 -6.18 -3.97 15.01
C PHE A 525 -5.98 -5.36 15.60
N GLN A 526 -4.82 -5.61 16.20
CA GLN A 526 -4.57 -6.91 16.83
C GLN A 526 -5.58 -7.19 17.93
N GLU A 527 -5.79 -6.20 18.82
CA GLU A 527 -6.76 -6.38 19.89
C GLU A 527 -8.18 -6.53 19.34
N ALA A 528 -8.53 -5.75 18.32
CA ALA A 528 -9.88 -5.79 17.78
C ALA A 528 -10.16 -7.13 17.10
N LEU A 529 -9.15 -7.71 16.44
CA LEU A 529 -9.32 -8.99 15.78
C LEU A 529 -9.18 -10.17 16.74
N CYS A 530 -8.52 -9.99 17.87
CA CYS A 530 -8.41 -11.06 18.85
C CYS A 530 -9.61 -11.12 19.79
N GLN A 531 -10.24 -9.98 20.08
CA GLN A 531 -11.43 -10.00 20.91
C GLN A 531 -12.65 -10.48 20.13
N ALA A 532 -12.62 -10.37 18.80
CA ALA A 532 -13.75 -10.81 17.99
C ALA A 532 -13.81 -12.33 17.85
N ALA A 533 -12.67 -13.01 17.95
CA ALA A 533 -12.61 -14.46 17.83
C ALA A 533 -12.77 -15.17 19.16
N LYS A 534 -13.08 -14.43 20.23
CA LYS A 534 -13.29 -14.98 21.57
C LYS A 534 -12.08 -15.79 22.02
N TYR A 535 -10.95 -15.09 22.10
CA TYR A 535 -9.69 -15.69 22.53
C TYR A 535 -9.46 -15.39 24.02
N ASN A 536 -9.05 -16.40 24.76
CA ASN A 536 -8.81 -16.28 26.20
C ASN A 536 -7.33 -16.54 26.45
N GLY A 537 -6.56 -15.47 26.64
CA GLY A 537 -5.15 -15.60 26.89
C GLY A 537 -4.46 -14.26 26.73
N SER A 538 -3.12 -14.32 26.66
CA SER A 538 -2.33 -13.10 26.49
C SER A 538 -2.53 -12.51 25.11
N LEU A 539 -2.36 -11.19 25.01
CA LEU A 539 -2.57 -10.52 23.73
C LEU A 539 -1.47 -10.86 22.73
N HIS A 540 -0.24 -11.09 23.21
CA HIS A 540 0.86 -11.38 22.32
C HIS A 540 0.86 -12.82 21.82
N LYS A 541 0.05 -13.69 22.42
CA LYS A 541 -0.05 -15.08 22.00
C LYS A 541 -1.32 -15.35 21.20
N CYS A 542 -1.88 -14.32 20.56
CA CYS A 542 -3.10 -14.51 19.79
C CYS A 542 -2.82 -15.30 18.52
N ASP A 543 -3.88 -15.89 17.96
CA ASP A 543 -3.77 -16.68 16.74
C ASP A 543 -5.09 -16.53 15.97
N ILE A 544 -5.07 -15.72 14.91
CA ILE A 544 -6.26 -15.49 14.11
C ILE A 544 -6.55 -16.61 13.13
N SER A 545 -5.74 -17.67 13.13
CA SER A 545 -5.98 -18.79 12.23
C SER A 545 -7.25 -19.55 12.64
N ASN A 546 -7.85 -20.22 11.66
CA ASN A 546 -9.08 -20.99 11.86
C ASN A 546 -10.19 -20.13 12.45
N SER A 547 -10.26 -18.88 12.00
CA SER A 547 -11.26 -17.92 12.48
C SER A 547 -11.74 -17.10 11.27
N THR A 548 -12.84 -17.54 10.67
CA THR A 548 -13.39 -16.83 9.52
C THR A 548 -14.04 -15.51 9.92
N GLU A 549 -14.38 -15.34 11.19
CA GLU A 549 -14.99 -14.09 11.64
C GLU A 549 -13.98 -12.95 11.74
N ALA A 550 -12.69 -13.27 11.90
CA ALA A 550 -11.65 -12.25 11.98
C ALA A 550 -11.24 -11.71 10.63
N GLY A 551 -11.63 -12.37 9.54
CA GLY A 551 -11.30 -11.90 8.21
C GLY A 551 -12.38 -11.02 7.61
N GLN A 552 -13.64 -11.42 7.79
CA GLN A 552 -14.75 -10.63 7.28
C GLN A 552 -14.87 -9.30 8.02
N LYS A 553 -14.46 -9.26 9.28
CA LYS A 553 -14.49 -8.01 10.04
C LYS A 553 -13.38 -7.07 9.60
N LEU A 554 -12.21 -7.61 9.28
CA LEU A 554 -11.11 -6.79 8.79
C LEU A 554 -11.34 -6.34 7.36
N LEU A 555 -11.98 -7.18 6.54
CA LEU A 555 -12.26 -6.83 5.16
C LEU A 555 -13.24 -5.67 5.05
N LYS A 556 -14.04 -5.42 6.09
CA LYS A 556 -14.96 -4.28 6.08
C LYS A 556 -14.21 -2.96 5.94
N MET A 557 -13.01 -2.88 6.49
CA MET A 557 -12.18 -1.69 6.37
C MET A 557 -11.25 -1.72 5.17
N LEU A 558 -10.70 -2.89 4.83
CA LEU A 558 -9.80 -2.99 3.69
C LEU A 558 -10.50 -2.74 2.36
N SER A 559 -11.80 -3.02 2.27
CA SER A 559 -12.54 -2.81 1.03
C SER A 559 -12.95 -1.36 0.82
N LEU A 560 -12.86 -0.52 1.86
CA LEU A 560 -13.19 0.89 1.73
C LEU A 560 -12.01 1.70 1.20
N GLY A 561 -10.82 1.49 1.77
CA GLY A 561 -9.63 2.19 1.35
C GLY A 561 -9.66 3.67 1.70
N ASN A 562 -9.75 4.53 0.69
CA ASN A 562 -9.78 5.97 0.88
C ASN A 562 -11.13 6.57 0.53
N SER A 563 -12.14 5.74 0.26
CA SER A 563 -13.46 6.25 -0.07
C SER A 563 -14.19 6.79 1.15
N GLU A 564 -13.73 6.47 2.35
CA GLU A 564 -14.32 6.91 3.60
C GLU A 564 -13.24 7.50 4.49
N PRO A 565 -13.62 8.41 5.40
CA PRO A 565 -12.63 8.96 6.32
C PRO A 565 -12.02 7.87 7.20
N TRP A 566 -10.77 8.11 7.61
CA TRP A 566 -10.05 7.11 8.41
C TRP A 566 -10.72 6.86 9.75
N THR A 567 -11.48 7.82 10.27
CA THR A 567 -12.18 7.60 11.53
C THR A 567 -13.23 6.50 11.40
N LYS A 568 -14.01 6.54 10.32
CA LYS A 568 -15.01 5.50 10.09
C LYS A 568 -14.34 4.15 9.82
N ALA A 569 -13.22 4.16 9.08
CA ALA A 569 -12.50 2.92 8.80
C ALA A 569 -11.96 2.31 10.10
N LEU A 570 -11.52 3.14 11.03
CA LEU A 570 -11.02 2.65 12.31
C LEU A 570 -12.17 2.16 13.19
N GLU A 571 -13.32 2.84 13.11
CA GLU A 571 -14.49 2.42 13.89
C GLU A 571 -15.05 1.10 13.38
N ASN A 572 -14.92 0.84 12.07
CA ASN A 572 -15.43 -0.42 11.53
C ASN A 572 -14.68 -1.63 12.08
N VAL A 573 -13.47 -1.41 12.60
CA VAL A 573 -12.65 -2.50 13.12
C VAL A 573 -12.66 -2.50 14.64
N VAL A 574 -12.18 -1.41 15.25
CA VAL A 574 -12.01 -1.36 16.69
C VAL A 574 -13.16 -0.63 17.41
N GLY A 575 -13.95 0.16 16.69
CA GLY A 575 -15.03 0.91 17.27
C GLY A 575 -14.67 2.35 17.62
N ALA A 576 -13.41 2.61 17.96
CA ALA A 576 -12.98 3.96 18.27
C ALA A 576 -12.72 4.74 16.98
N ARG A 577 -12.86 6.06 17.08
CA ARG A 577 -12.66 6.96 15.96
C ARG A 577 -11.43 7.84 16.17
N ASN A 578 -10.47 7.35 16.94
CA ASN A 578 -9.24 8.07 17.24
C ASN A 578 -8.22 7.05 17.72
N MET A 579 -6.98 7.51 17.91
CA MET A 579 -5.92 6.63 18.36
C MET A 579 -6.15 6.21 19.81
N ASP A 580 -5.73 4.99 20.12
CA ASP A 580 -5.91 4.41 21.46
C ASP A 580 -4.64 3.66 21.83
N VAL A 581 -4.04 4.04 22.95
CA VAL A 581 -2.80 3.41 23.42
C VAL A 581 -3.05 2.31 24.44
N LYS A 582 -4.29 2.11 24.88
CA LYS A 582 -4.59 1.02 25.80
C LYS A 582 -4.27 -0.36 25.22
N PRO A 583 -4.56 -0.67 23.95
CA PRO A 583 -4.13 -1.98 23.42
C PRO A 583 -2.62 -2.18 23.43
N LEU A 584 -1.85 -1.09 23.33
CA LEU A 584 -0.40 -1.22 23.33
C LEU A 584 0.11 -1.63 24.71
N LEU A 585 -0.47 -1.06 25.76
CA LEU A 585 -0.05 -1.41 27.12
C LEU A 585 -0.47 -2.82 27.48
N ASN A 586 -1.55 -3.33 26.88
CA ASN A 586 -1.99 -4.69 27.15
C ASN A 586 -1.14 -5.73 26.43
N TYR A 587 -0.41 -5.34 25.39
CA TYR A 587 0.43 -6.28 24.67
C TYR A 587 1.67 -6.63 25.50
N PHE A 588 2.24 -5.67 26.20
CA PHE A 588 3.43 -5.88 27.02
C PHE A 588 3.12 -5.86 28.51
N GLN A 589 1.90 -6.23 28.90
CA GLN A 589 1.53 -6.21 30.31
C GLN A 589 2.36 -7.18 31.15
N PRO A 590 2.58 -8.44 30.75
CA PRO A 590 3.51 -9.27 31.54
C PRO A 590 4.92 -8.71 31.58
N LEU A 591 5.41 -8.22 30.45
CA LEU A 591 6.72 -7.56 30.43
C LEU A 591 6.72 -6.31 31.30
N PHE A 592 5.63 -5.56 31.30
CA PHE A 592 5.53 -4.38 32.16
C PHE A 592 5.65 -4.76 33.62
N ASP A 593 4.92 -5.81 34.03
CA ASP A 593 4.98 -6.26 35.42
C ASP A 593 6.37 -6.77 35.77
N TRP A 594 7.00 -7.50 34.84
CA TRP A 594 8.34 -8.02 35.10
C TRP A 594 9.35 -6.89 35.26
N LEU A 595 9.27 -5.87 34.41
CA LEU A 595 10.16 -4.73 34.52
C LEU A 595 9.91 -3.94 35.80
N LYS A 596 8.63 -3.79 36.19
CA LYS A 596 8.33 -3.09 37.43
C LYS A 596 8.84 -3.85 38.64
N GLU A 597 8.83 -5.19 38.58
CA GLU A 597 9.33 -5.99 39.69
C GLU A 597 10.86 -6.01 39.72
N GLN A 598 11.51 -5.95 38.56
CA GLN A 598 12.97 -6.00 38.52
C GLN A 598 13.61 -4.64 38.78
N ASN A 599 12.91 -3.55 38.46
CA ASN A 599 13.44 -2.21 38.64
C ASN A 599 13.11 -1.62 40.00
N ARG A 600 12.88 -2.46 41.01
CA ARG A 600 12.57 -1.95 42.35
C ARG A 600 13.79 -1.27 42.98
N ASN A 601 14.97 -1.87 42.83
CA ASN A 601 16.20 -1.32 43.41
C ASN A 601 16.89 -0.38 42.42
N SER A 602 16.11 0.62 41.98
CA SER A 602 16.59 1.62 41.03
C SER A 602 15.60 2.77 41.01
N PHE A 603 16.00 3.84 40.34
CA PHE A 603 15.15 5.04 40.18
C PHE A 603 14.68 5.10 38.74
N VAL A 604 13.36 4.92 38.54
CA VAL A 604 12.80 4.98 37.20
C VAL A 604 12.69 6.44 36.77
N GLY A 605 13.47 6.81 35.77
CA GLY A 605 13.50 8.15 35.26
C GLY A 605 14.93 8.56 34.93
N TRP A 606 15.12 9.86 34.69
CA TRP A 606 16.43 10.39 34.37
C TRP A 606 16.42 11.90 34.58
N ASN A 607 17.51 12.42 35.11
CA ASN A 607 17.65 13.86 35.35
C ASN A 607 18.28 14.51 34.13
N THR A 608 17.75 15.65 33.72
CA THR A 608 18.22 16.35 32.53
C THR A 608 19.32 17.37 32.87
N GLU A 609 20.33 16.93 33.61
CA GLU A 609 21.51 17.76 33.87
C GLU A 609 22.82 17.02 33.73
N TRP A 610 22.86 15.70 33.82
CA TRP A 610 24.11 14.97 33.70
C TRP A 610 24.64 15.03 32.27
N SER A 611 25.96 15.07 32.14
CA SER A 611 26.61 15.16 30.84
C SER A 611 27.92 14.37 30.86
N PRO A 612 28.11 13.44 29.92
CA PRO A 612 29.38 12.68 29.90
C PRO A 612 30.59 13.55 29.61
N TYR A 613 30.43 14.62 28.83
CA TYR A 613 31.57 15.48 28.53
C TYR A 613 31.96 16.36 29.71
N ALA A 614 31.01 16.67 30.59
CA ALA A 614 31.28 17.49 31.77
C ALA A 614 31.84 16.63 32.90
N ASP A 615 32.66 17.25 33.73
CA ASP A 615 33.27 16.54 34.86
C ASP A 615 32.39 16.64 36.10
N LEU B 332 -25.83 -27.72 -42.38
CA LEU B 332 -25.30 -27.31 -41.07
C LEU B 332 -25.10 -25.80 -41.02
N CYS B 333 -25.65 -25.17 -39.98
CA CYS B 333 -25.49 -23.74 -39.81
C CYS B 333 -24.04 -23.40 -39.47
N PRO B 334 -23.55 -22.25 -39.91
CA PRO B 334 -22.15 -21.87 -39.65
C PRO B 334 -21.91 -21.39 -38.22
N PHE B 335 -22.10 -22.30 -37.27
CA PHE B 335 -21.79 -21.99 -35.87
C PHE B 335 -20.29 -22.04 -35.62
N ASP B 336 -19.56 -22.83 -36.42
CA ASP B 336 -18.11 -22.93 -36.23
C ASP B 336 -17.40 -21.62 -36.57
N GLU B 337 -17.87 -20.92 -37.60
CA GLU B 337 -17.24 -19.67 -38.01
C GLU B 337 -17.58 -18.50 -37.10
N VAL B 338 -18.39 -18.70 -36.07
CA VAL B 338 -18.78 -17.63 -35.16
C VAL B 338 -17.96 -17.75 -33.88
N PHE B 339 -17.79 -18.98 -33.39
CA PHE B 339 -17.06 -19.21 -32.16
C PHE B 339 -15.56 -19.43 -32.40
N ASN B 340 -15.19 -20.01 -33.54
CA ASN B 340 -13.80 -20.29 -33.88
C ASN B 340 -13.29 -19.31 -34.93
N ALA B 341 -13.72 -18.06 -34.85
CA ALA B 341 -13.30 -17.06 -35.81
C ALA B 341 -11.83 -16.68 -35.58
N THR B 342 -11.29 -15.89 -36.51
CA THR B 342 -9.90 -15.45 -36.45
C THR B 342 -9.73 -14.10 -35.78
N ARG B 343 -10.69 -13.20 -35.92
CA ARG B 343 -10.60 -11.88 -35.31
C ARG B 343 -12.01 -11.39 -35.00
N PHE B 344 -12.29 -11.15 -33.72
CA PHE B 344 -13.58 -10.62 -33.32
C PHE B 344 -13.58 -9.10 -33.33
N ALA B 345 -14.77 -8.52 -33.46
CA ALA B 345 -14.92 -7.09 -33.56
C ALA B 345 -15.05 -6.46 -32.17
N SER B 346 -15.15 -5.14 -32.13
CA SER B 346 -15.26 -4.42 -30.87
C SER B 346 -16.64 -4.61 -30.26
N VAL B 347 -16.81 -4.07 -29.06
CA VAL B 347 -18.08 -4.22 -28.35
C VAL B 347 -19.15 -3.30 -28.94
N TYR B 348 -18.77 -2.06 -29.28
CA TYR B 348 -19.74 -1.14 -29.87
C TYR B 348 -20.10 -1.55 -31.29
N ALA B 349 -19.11 -2.01 -32.05
CA ALA B 349 -19.34 -2.57 -33.39
C ALA B 349 -19.42 -4.09 -33.31
N TRP B 350 -20.37 -4.56 -32.49
CA TRP B 350 -20.56 -5.98 -32.30
C TRP B 350 -20.97 -6.66 -33.60
N ASN B 351 -20.27 -7.75 -33.95
CA ASN B 351 -20.50 -8.41 -35.22
C ASN B 351 -21.79 -9.23 -35.15
N ARG B 352 -22.75 -8.89 -36.00
CA ARG B 352 -24.03 -9.58 -36.07
C ARG B 352 -24.10 -10.44 -37.32
N LYS B 353 -24.56 -11.68 -37.15
CA LYS B 353 -24.72 -12.61 -38.25
C LYS B 353 -26.09 -13.27 -38.16
N ARG B 354 -26.77 -13.35 -39.31
CA ARG B 354 -28.08 -13.97 -39.39
C ARG B 354 -27.94 -15.43 -39.80
N ILE B 355 -28.66 -16.30 -39.10
CA ILE B 355 -28.61 -17.74 -39.33
C ILE B 355 -29.99 -18.18 -39.77
N SER B 356 -30.12 -18.57 -41.04
CA SER B 356 -31.40 -18.97 -41.60
C SER B 356 -31.18 -20.04 -42.66
N ASN B 357 -32.20 -20.89 -42.82
CA ASN B 357 -32.21 -21.95 -43.85
C ASN B 357 -31.03 -22.90 -43.69
N CYS B 358 -30.98 -23.55 -42.52
CA CYS B 358 -29.92 -24.51 -42.21
C CYS B 358 -30.31 -25.28 -40.96
N VAL B 359 -29.85 -26.52 -40.86
CA VAL B 359 -30.07 -27.31 -39.66
C VAL B 359 -29.14 -26.82 -38.56
N ALA B 360 -29.71 -26.46 -37.42
CA ALA B 360 -28.94 -25.90 -36.30
C ALA B 360 -28.66 -27.01 -35.29
N ASP B 361 -27.40 -27.44 -35.23
CA ASP B 361 -26.96 -28.44 -34.26
C ASP B 361 -26.47 -27.70 -33.02
N TYR B 362 -27.31 -27.66 -31.98
CA TYR B 362 -26.98 -26.95 -30.76
C TYR B 362 -25.94 -27.68 -29.91
N SER B 363 -25.47 -28.85 -30.32
CA SER B 363 -24.44 -29.57 -29.59
C SER B 363 -23.02 -29.12 -29.96
N VAL B 364 -22.87 -28.31 -31.01
CA VAL B 364 -21.55 -27.84 -31.41
C VAL B 364 -21.09 -26.65 -30.56
N LEU B 365 -21.98 -26.04 -29.79
CA LEU B 365 -21.60 -24.92 -28.94
C LEU B 365 -20.56 -25.32 -27.90
N TYR B 366 -20.62 -26.59 -27.53
CA TYR B 366 -19.71 -27.12 -26.49
C TYR B 366 -18.39 -27.40 -27.18
N ASN B 367 -17.40 -27.87 -26.44
CA ASN B 367 -16.06 -28.13 -27.01
C ASN B 367 -15.28 -26.84 -27.18
N PHE B 368 -15.87 -25.67 -26.95
CA PHE B 368 -15.04 -24.45 -27.03
C PHE B 368 -14.52 -24.08 -25.65
N ALA B 369 -13.93 -25.03 -24.92
CA ALA B 369 -13.26 -24.78 -23.61
C ALA B 369 -14.25 -24.64 -22.46
N PRO B 370 -13.79 -24.72 -21.19
CA PRO B 370 -14.67 -24.44 -20.08
C PRO B 370 -15.09 -22.99 -20.31
N PHE B 371 -16.38 -22.74 -20.25
CA PHE B 371 -16.90 -21.39 -20.55
C PHE B 371 -17.05 -20.64 -19.23
N PHE B 372 -16.68 -19.37 -19.20
CA PHE B 372 -16.87 -18.52 -18.00
C PHE B 372 -18.37 -18.31 -17.79
N ALA B 373 -19.14 -18.39 -18.87
CA ALA B 373 -20.60 -18.19 -18.76
C ALA B 373 -21.32 -18.90 -19.90
N PHE B 374 -22.39 -19.63 -19.60
CA PHE B 374 -23.25 -20.31 -20.58
C PHE B 374 -24.71 -20.08 -20.22
N LYS B 375 -25.07 -18.82 -19.97
CA LYS B 375 -26.35 -18.50 -19.33
C LYS B 375 -27.43 -18.32 -20.39
N CYS B 376 -28.46 -19.15 -20.35
CA CYS B 376 -29.60 -19.05 -21.26
C CYS B 376 -30.78 -18.43 -20.53
N TYR B 377 -31.40 -17.44 -21.16
CA TYR B 377 -32.54 -16.73 -20.60
C TYR B 377 -33.80 -17.11 -21.35
N GLY B 378 -34.84 -17.49 -20.61
CA GLY B 378 -36.12 -17.85 -21.19
C GLY B 378 -36.21 -19.23 -21.78
N VAL B 379 -35.09 -19.92 -22.00
CA VAL B 379 -35.07 -21.26 -22.55
C VAL B 379 -34.11 -22.12 -21.73
N SER B 380 -34.20 -23.44 -21.94
CA SER B 380 -33.31 -24.35 -21.25
C SER B 380 -32.20 -24.82 -22.18
N PRO B 381 -30.96 -24.88 -21.69
CA PRO B 381 -29.84 -25.29 -22.55
C PRO B 381 -29.92 -26.72 -23.03
N THR B 382 -30.78 -27.55 -22.43
CA THR B 382 -30.87 -28.96 -22.80
C THR B 382 -31.87 -29.19 -23.94
N LYS B 383 -33.06 -28.62 -23.82
CA LYS B 383 -34.13 -28.83 -24.79
C LYS B 383 -34.02 -27.93 -26.01
N LEU B 384 -32.87 -27.29 -26.24
CA LEU B 384 -32.71 -26.42 -27.39
C LEU B 384 -32.88 -27.17 -28.70
N ASN B 385 -32.64 -28.48 -28.72
CA ASN B 385 -32.81 -29.29 -29.92
C ASN B 385 -34.24 -29.78 -30.09
N ASP B 386 -35.18 -29.36 -29.24
CA ASP B 386 -36.56 -29.80 -29.30
C ASP B 386 -37.49 -28.72 -29.84
N LEU B 387 -36.92 -27.66 -30.43
CA LEU B 387 -37.72 -26.56 -30.95
C LEU B 387 -37.09 -26.06 -32.24
N CYS B 388 -37.82 -25.19 -32.93
CA CYS B 388 -37.32 -24.57 -34.15
C CYS B 388 -37.73 -23.11 -34.15
N PHE B 389 -36.81 -22.23 -34.52
CA PHE B 389 -37.05 -20.80 -34.61
C PHE B 389 -36.84 -20.33 -36.05
N THR B 390 -37.33 -19.12 -36.33
CA THR B 390 -37.24 -18.58 -37.69
C THR B 390 -35.83 -18.10 -37.99
N ASN B 391 -35.28 -17.24 -37.13
CA ASN B 391 -33.94 -16.70 -37.32
C ASN B 391 -33.19 -16.72 -35.99
N VAL B 392 -31.90 -17.03 -36.05
CA VAL B 392 -31.03 -17.07 -34.88
C VAL B 392 -29.93 -16.05 -35.12
N TYR B 393 -30.05 -14.88 -34.48
CA TYR B 393 -29.06 -13.83 -34.65
C TYR B 393 -27.90 -14.05 -33.67
N ALA B 394 -26.68 -14.03 -34.20
CA ALA B 394 -25.47 -14.23 -33.40
C ALA B 394 -24.71 -12.91 -33.33
N ASP B 395 -24.55 -12.39 -32.13
CA ASP B 395 -23.85 -11.14 -31.89
C ASP B 395 -22.59 -11.41 -31.08
N SER B 396 -21.43 -11.18 -31.68
CA SER B 396 -20.15 -11.46 -31.04
C SER B 396 -19.42 -10.15 -30.74
N PHE B 397 -18.77 -10.11 -29.58
CA PHE B 397 -18.02 -8.93 -29.18
C PHE B 397 -17.06 -9.29 -28.05
N VAL B 398 -15.98 -8.52 -27.92
CA VAL B 398 -14.97 -8.74 -26.90
C VAL B 398 -15.10 -7.65 -25.84
N ILE B 399 -15.12 -8.05 -24.57
CA ILE B 399 -15.24 -7.14 -23.44
C ILE B 399 -14.29 -7.61 -22.34
N ARG B 400 -14.21 -6.80 -21.28
CA ARG B 400 -13.36 -7.14 -20.14
C ARG B 400 -13.99 -8.28 -19.33
N GLY B 401 -13.27 -8.73 -18.30
CA GLY B 401 -13.77 -9.79 -17.47
C GLY B 401 -14.80 -9.34 -16.45
N ASN B 402 -14.63 -8.15 -15.89
CA ASN B 402 -15.59 -7.62 -14.93
C ASN B 402 -16.87 -7.12 -15.59
N GLU B 403 -16.89 -7.01 -16.92
CA GLU B 403 -18.05 -6.53 -17.65
C GLU B 403 -18.85 -7.64 -18.29
N VAL B 404 -18.52 -8.91 -18.01
CA VAL B 404 -19.27 -10.02 -18.57
C VAL B 404 -20.66 -10.11 -17.97
N SER B 405 -20.78 -9.79 -16.67
CA SER B 405 -22.09 -9.85 -16.02
C SER B 405 -23.04 -8.78 -16.53
N GLN B 406 -22.50 -7.70 -17.11
CA GLN B 406 -23.34 -6.63 -17.63
C GLN B 406 -24.10 -7.03 -18.88
N ILE B 407 -23.73 -8.13 -19.54
CA ILE B 407 -24.44 -8.59 -20.73
C ILE B 407 -25.55 -9.50 -20.22
N ALA B 408 -26.66 -8.89 -19.85
CA ALA B 408 -27.81 -9.58 -19.29
C ALA B 408 -29.01 -8.63 -19.30
N PRO B 409 -30.22 -9.16 -19.46
CA PRO B 409 -31.40 -8.29 -19.44
C PRO B 409 -31.60 -7.66 -18.07
N GLY B 410 -31.88 -6.36 -18.08
CA GLY B 410 -32.14 -5.60 -16.86
C GLY B 410 -30.92 -4.95 -16.23
N GLN B 411 -29.78 -5.63 -16.25
CA GLN B 411 -28.58 -5.08 -15.62
C GLN B 411 -28.05 -3.89 -16.41
N THR B 412 -27.39 -2.99 -15.70
CA THR B 412 -26.81 -1.79 -16.29
C THR B 412 -25.34 -1.70 -15.93
N GLY B 413 -24.68 -0.68 -16.45
CA GLY B 413 -23.26 -0.47 -16.20
C GLY B 413 -22.61 0.46 -17.20
N ASN B 414 -21.47 0.04 -17.76
CA ASN B 414 -20.77 0.82 -18.77
C ASN B 414 -20.76 0.19 -20.15
N ILE B 415 -21.07 -1.10 -20.25
CA ILE B 415 -21.08 -1.80 -21.54
C ILE B 415 -22.50 -1.82 -22.08
N ALA B 416 -23.43 -2.36 -21.31
CA ALA B 416 -24.83 -2.46 -21.75
C ALA B 416 -25.61 -1.20 -21.42
N ASP B 417 -25.06 -0.06 -21.82
CA ASP B 417 -25.75 1.22 -21.76
C ASP B 417 -25.52 2.06 -23.00
N TYR B 418 -24.30 2.04 -23.56
CA TYR B 418 -23.96 2.82 -24.74
C TYR B 418 -23.36 1.99 -25.87
N ASN B 419 -23.10 0.71 -25.67
CA ASN B 419 -22.46 -0.13 -26.68
C ASN B 419 -23.38 -1.22 -27.19
N TYR B 420 -23.93 -2.05 -26.29
CA TYR B 420 -24.73 -3.20 -26.70
C TYR B 420 -25.70 -3.51 -25.57
N LYS B 421 -26.97 -3.13 -25.76
CA LYS B 421 -28.02 -3.36 -24.78
C LYS B 421 -28.91 -4.51 -25.21
N LEU B 422 -29.26 -5.39 -24.23
CA LEU B 422 -30.13 -6.54 -24.47
C LEU B 422 -31.56 -6.22 -24.08
N PRO B 423 -32.54 -6.78 -24.81
CA PRO B 423 -33.94 -6.53 -24.47
C PRO B 423 -34.30 -7.12 -23.11
N ASP B 424 -35.35 -6.56 -22.51
CA ASP B 424 -35.82 -7.07 -21.22
C ASP B 424 -36.36 -8.49 -21.35
N ASP B 425 -37.29 -8.70 -22.28
CA ASP B 425 -37.85 -10.03 -22.54
C ASP B 425 -37.01 -10.76 -23.59
N PHE B 426 -35.76 -11.04 -23.21
CA PHE B 426 -34.80 -11.67 -24.09
C PHE B 426 -34.82 -13.19 -23.87
N THR B 427 -35.19 -13.93 -24.91
CA THR B 427 -35.20 -15.39 -24.88
C THR B 427 -34.08 -15.88 -25.79
N GLY B 428 -32.91 -16.14 -25.19
CA GLY B 428 -31.77 -16.58 -25.95
C GLY B 428 -30.69 -17.19 -25.07
N CYS B 429 -29.43 -17.13 -25.51
CA CYS B 429 -28.33 -17.69 -24.74
C CYS B 429 -27.09 -16.82 -24.91
N VAL B 430 -26.45 -16.49 -23.79
CA VAL B 430 -25.22 -15.71 -23.77
C VAL B 430 -24.09 -16.63 -23.33
N ILE B 431 -23.10 -16.81 -24.21
CA ILE B 431 -21.91 -17.58 -23.92
C ILE B 431 -20.72 -16.62 -23.85
N ALA B 432 -19.78 -16.92 -22.97
CA ALA B 432 -18.64 -16.04 -22.75
C ALA B 432 -17.45 -16.89 -22.31
N TRP B 433 -16.30 -16.64 -22.92
CA TRP B 433 -15.10 -17.40 -22.59
C TRP B 433 -13.87 -16.52 -22.72
N ASN B 434 -12.85 -16.82 -21.92
CA ASN B 434 -11.61 -16.05 -21.93
C ASN B 434 -10.82 -16.30 -23.21
N SER B 435 -10.17 -15.25 -23.69
CA SER B 435 -9.36 -15.31 -24.90
C SER B 435 -8.04 -14.57 -24.69
N ASN B 436 -7.39 -14.80 -23.55
CA ASN B 436 -6.15 -14.09 -23.25
C ASN B 436 -5.03 -14.53 -24.17
N LYS B 437 -4.96 -15.83 -24.50
CA LYS B 437 -3.87 -16.33 -25.32
C LYS B 437 -3.93 -15.78 -26.74
N LEU B 438 -5.12 -15.41 -27.21
CA LEU B 438 -5.30 -14.97 -28.59
C LEU B 438 -5.39 -13.47 -28.75
N ASP B 439 -5.94 -12.76 -27.76
CA ASP B 439 -6.22 -11.33 -27.86
C ASP B 439 -5.44 -10.51 -26.85
N SER B 440 -4.17 -10.82 -26.65
CA SER B 440 -3.33 -10.06 -25.73
C SER B 440 -1.92 -9.98 -26.31
N LYS B 441 -1.38 -8.76 -26.36
CA LYS B 441 -0.03 -8.52 -26.85
C LYS B 441 0.82 -7.93 -25.73
N VAL B 442 2.11 -8.26 -25.75
CA VAL B 442 3.03 -7.78 -24.72
C VAL B 442 3.10 -6.26 -24.76
N GLY B 443 3.21 -5.69 -25.96
CA GLY B 443 3.24 -4.24 -26.07
C GLY B 443 1.88 -3.61 -25.81
N GLY B 444 0.81 -4.29 -26.19
CA GLY B 444 -0.54 -3.79 -25.97
C GLY B 444 -1.42 -3.91 -27.20
N ASN B 445 -2.58 -4.56 -27.04
CA ASN B 445 -3.52 -4.74 -28.14
C ASN B 445 -4.53 -3.60 -28.08
N TYR B 446 -4.18 -2.48 -28.72
CA TYR B 446 -5.03 -1.30 -28.73
C TYR B 446 -5.96 -1.26 -29.94
N ASN B 447 -6.32 -2.42 -30.50
CA ASN B 447 -7.21 -2.47 -31.65
C ASN B 447 -8.68 -2.54 -31.25
N TYR B 448 -8.99 -3.00 -30.05
CA TYR B 448 -10.37 -3.12 -29.57
C TYR B 448 -10.77 -1.82 -28.90
N LEU B 449 -11.84 -1.19 -29.41
CA LEU B 449 -12.34 0.06 -28.87
C LEU B 449 -13.67 -0.15 -28.16
N TYR B 450 -14.08 0.87 -27.40
CA TYR B 450 -15.31 0.81 -26.64
C TYR B 450 -15.80 2.23 -26.38
N ARG B 451 -17.12 2.43 -26.46
CA ARG B 451 -17.72 3.73 -26.22
C ARG B 451 -17.98 3.93 -24.74
N LEU B 452 -17.52 5.06 -24.21
CA LEU B 452 -17.67 5.37 -22.79
C LEU B 452 -18.66 6.48 -22.51
N PHE B 453 -18.73 7.51 -23.35
CA PHE B 453 -19.61 8.64 -23.16
C PHE B 453 -20.62 8.72 -24.29
N ARG B 454 -21.85 9.12 -23.95
CA ARG B 454 -22.92 9.25 -24.92
C ARG B 454 -24.03 10.08 -24.29
N LYS B 455 -24.86 10.69 -25.15
CA LYS B 455 -25.95 11.54 -24.67
C LYS B 455 -26.96 10.73 -23.87
N SER B 456 -27.55 9.72 -24.49
CA SER B 456 -28.57 8.88 -23.85
C SER B 456 -28.25 7.41 -24.08
N ASN B 457 -28.91 6.56 -23.30
CA ASN B 457 -28.71 5.13 -23.42
C ASN B 457 -29.26 4.61 -24.75
N LEU B 458 -28.82 3.42 -25.12
CA LEU B 458 -29.25 2.82 -26.37
C LEU B 458 -30.57 2.05 -26.18
N LYS B 459 -31.10 1.57 -27.30
CA LYS B 459 -32.30 0.74 -27.32
C LYS B 459 -31.91 -0.72 -27.53
N PRO B 460 -32.81 -1.66 -27.23
CA PRO B 460 -32.52 -3.08 -27.47
C PRO B 460 -32.12 -3.36 -28.91
N PHE B 461 -30.94 -3.98 -29.09
CA PHE B 461 -30.38 -4.29 -30.40
C PHE B 461 -30.21 -3.03 -31.25
N GLU B 462 -29.36 -2.13 -30.76
CA GLU B 462 -29.03 -0.89 -31.44
C GLU B 462 -27.51 -0.75 -31.53
N ARG B 463 -27.04 -0.22 -32.65
CA ARG B 463 -25.61 -0.04 -32.90
C ARG B 463 -25.31 1.43 -33.14
N ASP B 464 -24.21 1.90 -32.55
CA ASP B 464 -23.76 3.27 -32.71
C ASP B 464 -22.28 3.25 -33.06
N ILE B 465 -21.93 3.81 -34.21
CA ILE B 465 -20.55 3.84 -34.69
C ILE B 465 -20.08 5.27 -34.94
N SER B 466 -20.71 6.25 -34.29
CA SER B 466 -20.33 7.64 -34.47
C SER B 466 -19.04 7.94 -33.70
N THR B 467 -18.25 8.85 -34.26
CA THR B 467 -16.98 9.26 -33.67
C THR B 467 -16.99 10.76 -33.39
N GLU B 468 -18.15 11.30 -33.03
CA GLU B 468 -18.26 12.72 -32.74
C GLU B 468 -17.83 13.01 -31.30
N ILE B 469 -17.30 14.21 -31.09
CA ILE B 469 -16.83 14.60 -29.77
C ILE B 469 -18.01 14.74 -28.82
N TYR B 470 -17.89 14.18 -27.63
CA TYR B 470 -18.95 14.23 -26.63
C TYR B 470 -19.02 15.62 -26.01
N GLN B 471 -20.10 16.35 -26.31
CA GLN B 471 -20.31 17.70 -25.78
C GLN B 471 -20.82 17.57 -24.35
N ALA B 472 -19.87 17.58 -23.41
CA ALA B 472 -20.23 17.43 -22.00
C ALA B 472 -20.87 18.71 -21.46
N GLY B 473 -20.15 19.83 -21.55
CA GLY B 473 -20.63 21.09 -21.05
C GLY B 473 -21.33 21.94 -22.11
N ASN B 474 -21.68 23.16 -21.70
CA ASN B 474 -22.36 24.07 -22.61
C ASN B 474 -21.44 24.60 -23.70
N LYS B 475 -20.13 24.48 -23.53
CA LYS B 475 -19.17 24.94 -24.52
C LYS B 475 -19.30 24.14 -25.81
N PRO B 476 -19.63 24.77 -26.94
CA PRO B 476 -19.77 24.03 -28.20
C PRO B 476 -18.42 23.54 -28.69
N CYS B 477 -18.25 22.22 -28.73
CA CYS B 477 -17.02 21.63 -29.21
C CYS B 477 -16.89 21.82 -30.72
N ASN B 478 -15.66 22.00 -31.18
CA ASN B 478 -15.36 22.24 -32.59
C ASN B 478 -14.44 21.17 -33.14
N GLY B 479 -14.73 19.91 -32.81
CA GLY B 479 -13.94 18.79 -33.27
C GLY B 479 -12.64 18.55 -32.55
N VAL B 480 -12.27 19.42 -31.62
CA VAL B 480 -11.03 19.27 -30.85
C VAL B 480 -11.37 18.74 -29.46
N ALA B 481 -10.42 18.06 -28.85
CA ALA B 481 -10.57 17.49 -27.52
C ALA B 481 -9.98 18.42 -26.47
N GLY B 482 -10.51 18.32 -25.25
CA GLY B 482 -10.02 19.14 -24.16
C GLY B 482 -11.01 19.24 -23.01
N PHE B 483 -11.24 20.47 -22.53
CA PHE B 483 -12.15 20.69 -21.42
C PHE B 483 -13.59 20.60 -21.91
N ASN B 484 -14.37 19.72 -21.26
CA ASN B 484 -15.77 19.47 -21.58
C ASN B 484 -15.97 18.96 -23.01
N CYS B 485 -14.92 18.46 -23.66
CA CYS B 485 -15.00 17.89 -25.00
C CYS B 485 -14.09 16.66 -25.02
N TYR B 486 -14.68 15.50 -24.73
CA TYR B 486 -13.94 14.25 -24.63
C TYR B 486 -14.29 13.32 -25.79
N PHE B 487 -13.35 12.45 -26.12
CA PHE B 487 -13.57 11.48 -27.18
C PHE B 487 -14.37 10.31 -26.63
N PRO B 488 -15.43 9.86 -27.31
CA PRO B 488 -16.28 8.81 -26.75
C PRO B 488 -15.65 7.42 -26.83
N LEU B 489 -14.86 7.17 -27.88
CA LEU B 489 -14.29 5.85 -28.10
C LEU B 489 -12.90 5.78 -27.46
N ARG B 490 -12.75 4.90 -26.48
CA ARG B 490 -11.47 4.63 -25.85
C ARG B 490 -10.99 3.25 -26.25
N SER B 491 -9.75 2.95 -25.91
CA SER B 491 -9.10 1.71 -26.33
C SER B 491 -8.80 0.82 -25.12
N TYR B 492 -8.73 -0.48 -25.39
CA TYR B 492 -8.38 -1.46 -24.37
C TYR B 492 -6.87 -1.68 -24.35
N GLY B 493 -6.30 -1.67 -23.15
CA GLY B 493 -4.89 -1.95 -22.99
C GLY B 493 -4.62 -3.41 -22.70
N PHE B 494 -5.14 -4.29 -23.54
CA PHE B 494 -5.03 -5.74 -23.32
C PHE B 494 -3.56 -6.17 -23.30
N ARG B 495 -3.15 -6.75 -22.18
CA ARG B 495 -1.80 -7.28 -22.00
C ARG B 495 -1.89 -8.59 -21.24
N PRO B 496 -0.97 -9.52 -21.50
CA PRO B 496 -1.02 -10.82 -20.81
C PRO B 496 -0.74 -10.70 -19.32
N THR B 497 -0.13 -9.60 -18.87
CA THR B 497 0.20 -9.44 -17.46
C THR B 497 -1.01 -9.10 -16.59
N TYR B 498 -2.19 -8.97 -17.18
CA TYR B 498 -3.38 -8.65 -16.40
C TYR B 498 -3.79 -9.84 -15.53
N GLY B 499 -4.73 -9.59 -14.64
CA GLY B 499 -5.26 -10.62 -13.76
C GLY B 499 -6.31 -11.48 -14.43
N VAL B 500 -7.42 -11.73 -13.73
CA VAL B 500 -8.52 -12.52 -14.29
C VAL B 500 -9.74 -11.67 -14.59
N GLY B 501 -9.75 -10.39 -14.21
CA GLY B 501 -10.91 -9.55 -14.41
C GLY B 501 -10.75 -8.54 -15.52
N HIS B 502 -9.54 -8.39 -16.05
CA HIS B 502 -9.26 -7.43 -17.10
C HIS B 502 -8.74 -8.06 -18.38
N GLN B 503 -8.66 -9.39 -18.44
CA GLN B 503 -8.26 -10.07 -19.65
C GLN B 503 -9.35 -10.01 -20.70
N PRO B 504 -9.01 -10.16 -21.98
CA PRO B 504 -10.04 -10.14 -23.03
C PRO B 504 -10.95 -11.37 -22.93
N TYR B 505 -12.26 -11.12 -22.96
CA TYR B 505 -13.27 -12.16 -22.90
C TYR B 505 -14.19 -12.01 -24.11
N ARG B 506 -14.30 -13.08 -24.90
CA ARG B 506 -15.17 -13.10 -26.06
C ARG B 506 -16.55 -13.56 -25.65
N VAL B 507 -17.57 -12.80 -26.03
CA VAL B 507 -18.95 -13.06 -25.66
C VAL B 507 -19.80 -13.13 -26.93
N VAL B 508 -20.53 -14.22 -27.08
CA VAL B 508 -21.48 -14.41 -28.16
C VAL B 508 -22.88 -14.48 -27.57
N VAL B 509 -23.84 -13.89 -28.29
CA VAL B 509 -25.23 -13.85 -27.87
C VAL B 509 -26.07 -14.41 -29.02
N LEU B 510 -26.76 -15.51 -28.76
CA LEU B 510 -27.66 -16.14 -29.72
C LEU B 510 -29.08 -15.77 -29.33
N SER B 511 -29.74 -14.97 -30.17
CA SER B 511 -31.11 -14.54 -29.95
C SER B 511 -32.02 -15.22 -30.96
N PHE B 512 -33.05 -15.90 -30.46
CA PHE B 512 -33.97 -16.64 -31.31
C PHE B 512 -35.20 -15.79 -31.62
N GLU B 513 -35.64 -15.83 -32.87
CA GLU B 513 -36.81 -15.08 -33.33
C GLU B 513 -37.89 -16.06 -33.74
N LEU B 514 -39.13 -15.75 -33.38
CA LEU B 514 -40.28 -16.63 -33.63
C LEU B 514 -41.41 -15.86 -34.30
N LEU B 515 -41.08 -15.17 -35.39
CA LEU B 515 -42.08 -14.43 -36.13
C LEU B 515 -43.11 -15.38 -36.76
N HIS B 516 -44.17 -14.78 -37.32
CA HIS B 516 -45.23 -15.56 -37.95
C HIS B 516 -44.76 -16.28 -39.20
N ALA B 517 -43.57 -15.93 -39.72
CA ALA B 517 -43.03 -16.60 -40.89
C ALA B 517 -42.77 -18.08 -40.58
N PRO B 518 -42.85 -18.94 -41.58
CA PRO B 518 -42.61 -20.37 -41.34
C PRO B 518 -41.18 -20.63 -40.91
N ALA B 519 -41.02 -21.56 -39.97
CA ALA B 519 -39.71 -21.86 -39.41
C ALA B 519 -38.88 -22.66 -40.41
N THR B 520 -37.65 -22.21 -40.64
CA THR B 520 -36.72 -22.88 -41.53
C THR B 520 -35.44 -23.35 -40.83
N VAL B 521 -35.31 -23.14 -39.54
CA VAL B 521 -34.12 -23.50 -38.78
C VAL B 521 -34.56 -24.46 -37.68
N CYS B 522 -34.43 -25.75 -37.94
CA CYS B 522 -34.76 -26.79 -36.97
C CYS B 522 -33.49 -27.46 -36.46
N GLY B 523 -33.63 -28.20 -35.36
CA GLY B 523 -32.52 -28.92 -34.77
C GLY B 523 -32.14 -30.16 -35.57
N PRO B 524 -31.36 -31.04 -34.95
CA PRO B 524 -30.94 -32.26 -35.65
C PRO B 524 -32.07 -33.27 -35.80
N LYS B 525 -31.78 -34.41 -36.43
CA LYS B 525 -32.78 -35.45 -36.64
C LYS B 525 -32.23 -36.82 -36.29
C1 NAG C . 18.29 -8.00 -18.59
C2 NAG C . 17.18 -9.02 -18.84
C3 NAG C . 16.70 -8.94 -20.28
C4 NAG C . 16.32 -7.51 -20.66
C5 NAG C . 17.46 -6.54 -20.30
C6 NAG C . 17.09 -5.09 -20.50
C7 NAG C . 16.79 -11.34 -18.15
C8 NAG C . 17.43 -12.67 -17.86
N2 NAG C . 17.62 -10.37 -18.52
O3 NAG C . 15.57 -9.79 -20.47
O4 NAG C . 16.09 -7.42 -22.05
O5 NAG C . 17.81 -6.68 -18.91
O6 NAG C . 17.88 -4.50 -21.52
O7 NAG C . 15.58 -11.16 -18.05
C1 NAG C . 14.68 -7.21 -22.30
C2 NAG C . 14.53 -6.80 -23.76
C3 NAG C . 13.29 -7.47 -24.38
C4 NAG C . 12.12 -7.49 -23.41
C5 NAG C . 12.52 -8.12 -22.07
C6 NAG C . 11.83 -9.44 -21.80
C7 NAG C . 15.38 -4.64 -24.57
C8 NAG C . 15.15 -3.16 -24.61
N2 NAG C . 14.45 -5.35 -23.91
O3 NAG C . 13.62 -8.79 -24.79
O4 NAG C . 11.64 -6.17 -23.19
O5 NAG C . 13.93 -8.37 -22.05
O6 NAG C . 12.32 -10.46 -22.66
O7 NAG C . 16.35 -5.17 -25.10
ZN ZN D . 8.43 -2.34 3.69
C1 NAG E . -7.24 -25.56 11.95
C2 NAG E . -7.00 -26.67 12.97
C3 NAG E . -6.17 -27.79 12.34
C4 NAG E . -6.83 -28.28 11.06
C5 NAG E . -7.08 -27.11 10.12
C6 NAG E . -7.84 -27.49 8.86
C7 NAG E . -6.95 -26.00 15.33
C8 NAG E . -6.13 -25.46 16.45
N2 NAG E . -6.34 -26.16 14.16
O3 NAG E . -6.06 -28.88 13.26
O4 NAG E . -5.99 -29.23 10.40
O5 NAG E . -7.87 -26.10 10.79
O6 NAG E . -9.08 -26.81 8.79
O7 NAG E . -8.14 -26.29 15.48
C1 NAG F . -10.77 -24.16 -34.10
C2 NAG F . -10.85 -25.58 -33.52
C3 NAG F . -9.45 -26.16 -33.38
C4 NAG F . -8.71 -26.10 -34.71
C5 NAG F . -8.73 -24.67 -35.26
C6 NAG F . -8.13 -24.55 -36.63
C7 NAG F . -12.39 -26.55 -31.86
C8 NAG F . -13.00 -26.39 -30.50
N2 NAG F . -11.53 -25.58 -32.23
O3 NAG F . -9.55 -27.52 -32.95
O4 NAG F . -7.36 -26.51 -34.54
O5 NAG F . -10.09 -24.20 -35.35
O6 NAG F . -9.10 -24.77 -37.65
O7 NAG F . -12.64 -27.50 -32.59
#